data_9CHX
#
_entry.id   9CHX
#
_cell.length_a   1.00
_cell.length_b   1.00
_cell.length_c   1.00
_cell.angle_alpha   90.00
_cell.angle_beta   90.00
_cell.angle_gamma   90.00
#
_symmetry.space_group_name_H-M   'P 1'
#
loop_
_entity.id
_entity.type
_entity.pdbx_description
1 polymer 'Beta-2 adrenergic receptor,Calcineurin subunit B type 1'
2 polymer 'Protein phosphatase 3 catalytic subunit alpha'
3 polymer 'Peptidyl-prolyl cis-trans isomerase FKBP1A'
4 non-polymer (2S)-1-(9H-Carbazol-4-yloxy)-3-(isopropylamino)propan-2-ol
5 non-polymer 8-DEETHYL-8-[BUT-3-ENYL]-ASCOMYCIN
#
loop_
_entity_poly.entity_id
_entity_poly.type
_entity_poly.pdbx_seq_one_letter_code
_entity_poly.pdbx_strand_id
1 'polypeptide(L)'
;DEVWVVGMGIVMSLIVLAIVFGNVLVITAIAKFERLQTVTNYFITSLACADLVMGLAVVPFGAAHILMKMWTFGNFWCEF
WTSIDVLCVTASIETLCVIAVDRYFAITSPFKYQSLLTKNKARVIILMVWIVSGLTSFLPIQMHWYRATHQEAINCYAEE
TCCDFFTNQAYAIASSIVSFYVPLVIMVFVYSRVFQEAKRQLDADEIKRLGKRFKKLDLDNSGSLSVEEFMSLPELQQNP
LVQRVIDIFDTDGNGEVDFKEFIEGVSQFSVKGDKEQKLRFAFRIYDMDKDGYISNGELFQVLKMMVGNNLKDTQLQQIV
DKTIINADKDGDGRISFEEFCAVVGGLDIHKKMVVDVKFCLKEHKALKTLGIIMGTFTLCWLPFFIVNIVHVIQDNLIRK
EVYILLNWIGYVNSGFNPLIYCRSPDFRIAFQELLCLRRDDLKAYGNGY
;
A
2 'polypeptide(L)'
;SEPKAIDPKLSTTDRVVKAVPFPPSHRLTAKEVFDNDGKPRVDILKAHLMKEGRLEESVALRIITEGASILRQEKNLLDI
DAPVTVCGDIHGQFFDLMKLFEVGGSPANTRYLFLGDYVDRGYFSIECVLYLWALKILYPKTLFLLRGNHECRHLTEYFT
FKQECKIKYSERVYDACMDAFDCLPLAALMNQQFLCVHGGLSPEINTLDDIRKLDRFKEPPAYGPMCDILWSDPLEDFGN
EKTQEHFTHNTVRGCSYFYSYPAVCDFLQHNNLLSILRAHEAQDAGYRMYRKSQTTGFPSLITIFSAPNYLDVYNNKAAV
LKYENNVMNIRQFNCSPHPYWLPNFMDVFTWSLPFVGEKVTEMLVNVLNI
;
B
3 'polypeptide(L)'
;MGVQVETISPGDGRTFPKRGQTCVVHYTGMLEDGKKFDSSRDRNKPFKFMLGKQEVIRGWEEGVAQMSVGQRAKLTISPD
YAYGATGHPGIIPPHATLVFDVELLKLE
;
C
#
loop_
_chem_comp.id
_chem_comp.type
_chem_comp.name
_chem_comp.formula
CAU non-polymer (2S)-1-(9H-Carbazol-4-yloxy)-3-(isopropylamino)propan-2-ol 'C18 H22 N2 O2'
FK5 non-polymer 8-DEETHYL-8-[BUT-3-ENYL]-ASCOMYCIN 'C44 H69 N O12'
#
# COMPACT_ATOMS: atom_id res chain seq x y z
N TRP A 4 -30.45 -52.93 -5.81
CA TRP A 4 -31.33 -53.21 -4.68
C TRP A 4 -31.56 -51.91 -3.90
N VAL A 5 -32.27 -52.02 -2.77
CA VAL A 5 -32.64 -50.82 -2.03
C VAL A 5 -31.41 -50.13 -1.44
N VAL A 6 -30.42 -50.92 -1.03
CA VAL A 6 -29.20 -50.34 -0.45
C VAL A 6 -28.48 -49.49 -1.49
N GLY A 7 -28.33 -50.02 -2.71
CA GLY A 7 -27.65 -49.27 -3.75
C GLY A 7 -28.36 -47.98 -4.11
N MET A 8 -29.69 -48.06 -4.25
CA MET A 8 -30.47 -46.88 -4.60
C MET A 8 -30.38 -45.82 -3.50
N GLY A 9 -30.47 -46.25 -2.24
CA GLY A 9 -30.33 -45.31 -1.14
C GLY A 9 -28.96 -44.66 -1.11
N ILE A 10 -27.92 -45.45 -1.38
CA ILE A 10 -26.57 -44.90 -1.41
C ILE A 10 -26.44 -43.87 -2.52
N VAL A 11 -27.00 -44.17 -3.70
CA VAL A 11 -26.94 -43.24 -4.82
C VAL A 11 -27.64 -41.94 -4.46
N MET A 12 -28.84 -42.03 -3.88
CA MET A 12 -29.57 -40.83 -3.51
C MET A 12 -28.83 -40.01 -2.47
N SER A 13 -28.26 -40.68 -1.45
CA SER A 13 -27.52 -39.97 -0.42
C SER A 13 -26.31 -39.26 -1.00
N LEU A 14 -25.56 -39.95 -1.87
CA LEU A 14 -24.40 -39.34 -2.50
C LEU A 14 -24.80 -38.15 -3.35
N ILE A 15 -25.91 -38.28 -4.10
CA ILE A 15 -26.36 -37.19 -4.96
C ILE A 15 -26.71 -35.96 -4.14
N VAL A 16 -27.50 -36.14 -3.09
CA VAL A 16 -27.93 -34.97 -2.31
C VAL A 16 -26.74 -34.37 -1.56
N LEU A 17 -25.85 -35.20 -1.03
CA LEU A 17 -24.68 -34.68 -0.34
C LEU A 17 -23.78 -33.88 -1.28
N ALA A 18 -23.55 -34.40 -2.48
CA ALA A 18 -22.72 -33.69 -3.45
C ALA A 18 -23.37 -32.37 -3.85
N ILE A 19 -24.68 -32.38 -4.08
CA ILE A 19 -25.38 -31.15 -4.44
C ILE A 19 -25.18 -30.10 -3.36
N VAL A 20 -25.44 -30.49 -2.10
CA VAL A 20 -25.34 -29.54 -0.99
C VAL A 20 -23.92 -29.02 -0.86
N PHE A 21 -22.93 -29.92 -0.92
CA PHE A 21 -21.54 -29.51 -0.71
C PHE A 21 -21.06 -28.57 -1.80
N GLY A 22 -21.33 -28.92 -3.07
CA GLY A 22 -20.91 -28.06 -4.16
C GLY A 22 -21.59 -26.69 -4.12
N ASN A 23 -22.90 -26.67 -3.85
CA ASN A 23 -23.59 -25.40 -3.83
C ASN A 23 -23.16 -24.54 -2.65
N VAL A 24 -22.88 -25.16 -1.49
CA VAL A 24 -22.36 -24.40 -0.36
C VAL A 24 -21.00 -23.80 -0.69
N LEU A 25 -20.13 -24.58 -1.35
CA LEU A 25 -18.84 -24.04 -1.76
C LEU A 25 -19.02 -22.85 -2.69
N VAL A 26 -19.92 -22.97 -3.68
CA VAL A 26 -20.12 -21.88 -4.63
C VAL A 26 -20.65 -20.64 -3.92
N ILE A 27 -21.60 -20.81 -3.01
CA ILE A 27 -22.17 -19.67 -2.30
C ILE A 27 -21.11 -19.00 -1.42
N THR A 28 -20.29 -19.81 -0.74
CA THR A 28 -19.27 -19.26 0.14
C THR A 28 -18.21 -18.51 -0.64
N ALA A 29 -17.85 -19.01 -1.83
CA ALA A 29 -16.80 -18.37 -2.62
C ALA A 29 -17.16 -16.94 -3.02
N ILE A 30 -18.44 -16.60 -3.08
CA ILE A 30 -18.89 -15.25 -3.41
C ILE A 30 -19.42 -14.51 -2.20
N ALA A 31 -19.41 -15.13 -1.02
CA ALA A 31 -19.96 -14.49 0.17
C ALA A 31 -19.02 -13.44 0.72
N LYS A 32 -17.82 -13.84 1.13
CA LYS A 32 -16.85 -12.93 1.74
C LYS A 32 -15.60 -12.70 0.92
N PHE A 33 -15.11 -13.71 0.19
CA PHE A 33 -13.94 -13.55 -0.66
C PHE A 33 -14.34 -12.78 -1.91
N GLU A 34 -14.72 -11.52 -1.70
CA GLU A 34 -15.40 -10.74 -2.73
C GLU A 34 -14.44 -10.13 -3.73
N ARG A 35 -13.55 -10.96 -4.30
CA ARG A 35 -12.90 -10.61 -5.55
C ARG A 35 -13.85 -10.79 -6.73
N LEU A 36 -14.89 -11.60 -6.56
CA LEU A 36 -15.89 -11.87 -7.58
C LEU A 36 -17.11 -10.99 -7.26
N GLN A 37 -17.14 -9.81 -7.87
CA GLN A 37 -18.11 -8.77 -7.56
C GLN A 37 -18.79 -8.29 -8.85
N THR A 38 -19.24 -9.25 -9.65
CA THR A 38 -19.91 -8.95 -10.91
C THR A 38 -21.40 -9.22 -10.76
N VAL A 39 -22.21 -8.41 -11.44
CA VAL A 39 -23.66 -8.60 -11.41
C VAL A 39 -24.02 -10.00 -11.90
N THR A 40 -23.32 -10.48 -12.93
CA THR A 40 -23.48 -11.87 -13.36
C THR A 40 -23.20 -12.84 -12.21
N ASN A 41 -22.26 -12.50 -11.32
CA ASN A 41 -22.03 -13.37 -10.17
C ASN A 41 -23.18 -13.32 -9.17
N TYR A 42 -23.86 -12.17 -9.06
CA TYR A 42 -25.07 -12.14 -8.23
C TYR A 42 -26.19 -12.99 -8.83
N PHE A 43 -26.34 -12.96 -10.16
CA PHE A 43 -27.31 -13.85 -10.78
C PHE A 43 -26.93 -15.31 -10.57
N ILE A 44 -25.63 -15.61 -10.65
CA ILE A 44 -25.16 -16.98 -10.44
C ILE A 44 -25.44 -17.43 -9.02
N THR A 45 -25.20 -16.56 -8.03
CA THR A 45 -25.47 -16.98 -6.66
C THR A 45 -26.96 -17.08 -6.37
N SER A 46 -27.79 -16.28 -7.06
CA SER A 46 -29.23 -16.48 -6.97
C SER A 46 -29.62 -17.85 -7.51
N LEU A 47 -29.05 -18.24 -8.64
CA LEU A 47 -29.33 -19.56 -9.18
C LEU A 47 -28.84 -20.65 -8.23
N ALA A 48 -27.69 -20.44 -7.60
CA ALA A 48 -27.14 -21.45 -6.70
C ALA A 48 -28.00 -21.61 -5.46
N CYS A 49 -28.45 -20.52 -4.86
CA CYS A 49 -29.33 -20.67 -3.71
C CYS A 49 -30.67 -21.27 -4.12
N ALA A 50 -31.14 -20.96 -5.33
CA ALA A 50 -32.37 -21.58 -5.83
C ALA A 50 -32.23 -23.10 -5.92
N ASP A 51 -31.14 -23.57 -6.53
CA ASP A 51 -31.01 -25.01 -6.72
C ASP A 51 -30.67 -25.71 -5.40
N LEU A 52 -30.01 -25.02 -4.46
CA LEU A 52 -29.85 -25.58 -3.13
C LEU A 52 -31.18 -25.73 -2.42
N VAL A 53 -32.06 -24.74 -2.55
CA VAL A 53 -33.41 -24.86 -2.01
C VAL A 53 -34.11 -26.06 -2.63
N MET A 54 -33.98 -26.21 -3.95
CA MET A 54 -34.60 -27.34 -4.62
C MET A 54 -34.08 -28.66 -4.07
N GLY A 55 -32.76 -28.79 -3.94
CA GLY A 55 -32.17 -29.97 -3.36
C GLY A 55 -32.76 -30.29 -2.00
N LEU A 56 -32.52 -29.38 -1.05
CA LEU A 56 -32.96 -29.59 0.34
C LEU A 56 -34.45 -29.91 0.43
N ALA A 57 -35.26 -29.31 -0.43
CA ALA A 57 -36.70 -29.51 -0.30
C ALA A 57 -37.14 -30.83 -0.92
N VAL A 58 -36.83 -31.06 -2.20
CA VAL A 58 -37.48 -32.12 -2.95
C VAL A 58 -36.64 -33.39 -2.98
N VAL A 59 -35.31 -33.30 -3.08
CA VAL A 59 -34.52 -34.50 -3.39
C VAL A 59 -34.66 -35.57 -2.30
N PRO A 60 -34.44 -35.30 -1.02
CA PRO A 60 -34.68 -36.36 -0.02
C PRO A 60 -36.11 -36.83 0.01
N PHE A 61 -37.06 -35.91 -0.17
CA PHE A 61 -38.48 -36.28 -0.13
C PHE A 61 -38.84 -37.18 -1.31
N GLY A 62 -38.37 -36.83 -2.51
CA GLY A 62 -38.60 -37.69 -3.66
C GLY A 62 -37.95 -39.05 -3.50
N ALA A 63 -36.74 -39.08 -2.96
CA ALA A 63 -36.07 -40.35 -2.72
C ALA A 63 -36.85 -41.21 -1.74
N ALA A 64 -37.35 -40.61 -0.66
CA ALA A 64 -38.15 -41.36 0.30
C ALA A 64 -39.44 -41.87 -0.33
N HIS A 65 -40.11 -41.03 -1.12
CA HIS A 65 -41.32 -41.46 -1.80
C HIS A 65 -41.06 -42.64 -2.71
N ILE A 66 -39.95 -42.61 -3.45
CA ILE A 66 -39.63 -43.69 -4.37
C ILE A 66 -39.30 -44.96 -3.59
N LEU A 67 -38.49 -44.85 -2.53
CA LEU A 67 -38.01 -46.04 -1.83
C LEU A 67 -39.13 -46.71 -1.02
N MET A 68 -39.89 -45.92 -0.25
CA MET A 68 -40.90 -46.49 0.63
C MET A 68 -42.15 -46.95 -0.11
N LYS A 69 -42.28 -46.61 -1.40
CA LYS A 69 -43.46 -46.93 -2.20
C LYS A 69 -44.73 -46.31 -1.63
N MET A 70 -44.58 -45.32 -0.75
CA MET A 70 -45.71 -44.62 -0.15
C MET A 70 -45.18 -43.34 0.48
N TRP A 71 -45.95 -42.26 0.37
CA TRP A 71 -45.53 -40.95 0.84
C TRP A 71 -46.47 -40.56 1.97
N THR A 72 -46.05 -40.85 3.21
CA THR A 72 -46.92 -40.71 4.37
C THR A 72 -46.67 -39.42 5.15
N PHE A 73 -46.00 -38.45 4.54
CA PHE A 73 -45.70 -37.22 5.26
C PHE A 73 -46.97 -36.44 5.59
N GLY A 74 -47.94 -36.42 4.67
CA GLY A 74 -49.18 -35.71 4.93
C GLY A 74 -49.98 -35.53 3.66
N ASN A 75 -50.89 -34.57 3.71
CA ASN A 75 -51.74 -34.24 2.56
C ASN A 75 -51.58 -32.82 2.06
N PHE A 76 -51.52 -31.84 2.97
CA PHE A 76 -51.28 -30.45 2.55
C PHE A 76 -49.81 -30.25 2.21
N TRP A 77 -48.93 -30.99 2.88
CA TRP A 77 -47.53 -31.03 2.50
C TRP A 77 -47.35 -31.51 1.07
N CYS A 78 -48.31 -32.26 0.52
CA CYS A 78 -48.25 -32.64 -0.89
C CYS A 78 -48.29 -31.40 -1.79
N GLU A 79 -49.23 -30.50 -1.52
CA GLU A 79 -49.30 -29.26 -2.28
C GLU A 79 -48.04 -28.42 -2.06
N PHE A 80 -47.57 -28.33 -0.81
CA PHE A 80 -46.34 -27.59 -0.58
C PHE A 80 -45.18 -28.17 -1.39
N TRP A 81 -45.05 -29.49 -1.41
CA TRP A 81 -43.94 -30.15 -2.10
C TRP A 81 -44.01 -29.91 -3.61
N THR A 82 -45.18 -30.11 -4.21
CA THR A 82 -45.33 -29.90 -5.64
C THR A 82 -45.07 -28.45 -6.00
N SER A 83 -45.60 -27.51 -5.21
CA SER A 83 -45.42 -26.10 -5.52
C SER A 83 -43.97 -25.69 -5.38
N ILE A 84 -43.26 -26.23 -4.38
CA ILE A 84 -41.83 -25.92 -4.22
C ILE A 84 -41.05 -26.42 -5.43
N ASP A 85 -41.36 -27.64 -5.89
CA ASP A 85 -40.67 -28.17 -7.07
C ASP A 85 -40.91 -27.28 -8.29
N VAL A 86 -42.17 -26.88 -8.49
CA VAL A 86 -42.52 -26.04 -9.64
C VAL A 86 -41.79 -24.70 -9.55
N LEU A 87 -41.77 -24.09 -8.36
CA LEU A 87 -41.06 -22.84 -8.16
C LEU A 87 -39.58 -22.98 -8.47
N CYS A 88 -38.96 -24.06 -8.02
CA CYS A 88 -37.52 -24.22 -8.24
C CYS A 88 -37.22 -24.33 -9.72
N VAL A 89 -38.02 -25.09 -10.47
CA VAL A 89 -37.75 -25.21 -11.90
C VAL A 89 -37.97 -23.88 -12.62
N THR A 90 -39.08 -23.19 -12.30
CA THR A 90 -39.37 -21.94 -12.99
C THR A 90 -38.34 -20.86 -12.68
N ALA A 91 -37.89 -20.79 -11.42
CA ALA A 91 -36.88 -19.83 -11.01
C ALA A 91 -35.48 -20.21 -11.46
N SER A 92 -35.26 -21.46 -11.85
CA SER A 92 -34.02 -21.81 -12.51
C SER A 92 -34.06 -21.52 -14.01
N ILE A 93 -35.25 -21.48 -14.61
CA ILE A 93 -35.40 -21.05 -16.01
C ILE A 93 -35.21 -19.55 -16.14
N GLU A 94 -36.04 -18.79 -15.45
CA GLU A 94 -36.10 -17.36 -15.74
C GLU A 94 -34.82 -16.65 -15.31
N THR A 95 -34.10 -17.18 -14.31
CA THR A 95 -32.80 -16.62 -13.98
C THR A 95 -31.80 -16.82 -15.12
N LEU A 96 -31.83 -17.98 -15.77
CA LEU A 96 -30.97 -18.20 -16.93
C LEU A 96 -31.35 -17.28 -18.08
N CYS A 97 -32.65 -17.06 -18.28
CA CYS A 97 -33.07 -16.10 -19.32
C CYS A 97 -32.57 -14.69 -19.00
N VAL A 98 -32.65 -14.29 -17.73
CA VAL A 98 -32.17 -12.97 -17.31
C VAL A 98 -30.67 -12.86 -17.54
N ILE A 99 -29.91 -13.91 -17.20
CA ILE A 99 -28.47 -13.90 -17.45
C ILE A 99 -28.19 -13.74 -18.94
N ALA A 100 -28.95 -14.45 -19.78
CA ALA A 100 -28.73 -14.36 -21.22
C ALA A 100 -28.95 -12.93 -21.72
N VAL A 101 -30.06 -12.30 -21.31
CA VAL A 101 -30.32 -10.94 -21.78
C VAL A 101 -29.31 -9.95 -21.21
N ASP A 102 -28.91 -10.15 -19.96
CA ASP A 102 -27.86 -9.33 -19.36
C ASP A 102 -26.58 -9.40 -20.17
N ARG A 103 -26.12 -10.60 -20.48
CA ARG A 103 -24.91 -10.75 -21.26
C ARG A 103 -25.08 -10.23 -22.68
N TYR A 104 -26.32 -10.21 -23.20
CA TYR A 104 -26.54 -9.62 -24.52
C TYR A 104 -26.37 -8.11 -24.50
N PHE A 105 -26.91 -7.44 -23.47
CA PHE A 105 -26.68 -6.00 -23.37
C PHE A 105 -25.30 -5.63 -22.87
N ALA A 106 -24.55 -6.56 -22.30
CA ALA A 106 -23.20 -6.29 -21.83
C ALA A 106 -22.15 -6.48 -22.92
N ILE A 107 -22.57 -6.76 -24.15
CA ILE A 107 -21.68 -6.85 -25.29
C ILE A 107 -21.95 -5.77 -26.31
N THR A 108 -23.22 -5.42 -26.51
CA THR A 108 -23.56 -4.35 -27.46
C THR A 108 -22.96 -3.02 -27.04
N SER A 109 -23.05 -2.68 -25.75
CA SER A 109 -22.58 -1.39 -25.25
C SER A 109 -21.96 -1.60 -23.87
N PRO A 110 -20.66 -1.89 -23.82
CA PRO A 110 -20.02 -2.17 -22.52
C PRO A 110 -20.11 -1.01 -21.54
N PHE A 111 -19.74 0.20 -21.98
CA PHE A 111 -19.78 1.34 -21.07
C PHE A 111 -21.21 1.65 -20.64
N LYS A 112 -22.16 1.57 -21.56
CA LYS A 112 -23.55 1.81 -21.21
C LYS A 112 -24.06 0.78 -20.22
N TYR A 113 -23.70 -0.49 -20.41
CA TYR A 113 -24.12 -1.53 -19.48
C TYR A 113 -23.51 -1.31 -18.09
N GLN A 114 -22.22 -0.96 -18.04
CA GLN A 114 -21.59 -0.75 -16.74
C GLN A 114 -22.06 0.53 -16.06
N SER A 115 -22.57 1.49 -16.83
CA SER A 115 -23.05 2.74 -16.23
C SER A 115 -24.51 2.65 -15.78
N LEU A 116 -25.38 2.12 -16.63
CA LEU A 116 -26.81 2.12 -16.31
C LEU A 116 -27.16 1.10 -15.25
N LEU A 117 -26.54 -0.07 -15.30
CA LEU A 117 -26.91 -1.19 -14.44
C LEU A 117 -25.94 -1.32 -13.27
N THR A 118 -26.51 -1.50 -12.07
CA THR A 118 -25.72 -1.64 -10.86
C THR A 118 -26.34 -2.75 -10.01
N LYS A 119 -25.88 -2.88 -8.77
CA LYS A 119 -26.38 -3.93 -7.90
C LYS A 119 -27.84 -3.71 -7.52
N ASN A 120 -28.28 -2.46 -7.45
CA ASN A 120 -29.67 -2.18 -7.08
C ASN A 120 -30.63 -2.75 -8.11
N LYS A 121 -30.38 -2.49 -9.40
CA LYS A 121 -31.22 -3.06 -10.44
C LYS A 121 -31.11 -4.58 -10.49
N ALA A 122 -29.93 -5.12 -10.19
CA ALA A 122 -29.77 -6.57 -10.13
C ALA A 122 -30.69 -7.17 -9.09
N ARG A 123 -30.66 -6.64 -7.86
CA ARG A 123 -31.53 -7.17 -6.81
C ARG A 123 -33.00 -6.94 -7.16
N VAL A 124 -33.31 -5.80 -7.76
CA VAL A 124 -34.71 -5.51 -8.11
C VAL A 124 -35.25 -6.54 -9.10
N ILE A 125 -34.49 -6.81 -10.17
CA ILE A 125 -35.00 -7.75 -11.17
C ILE A 125 -34.96 -9.18 -10.65
N ILE A 126 -33.99 -9.53 -9.82
CA ILE A 126 -33.98 -10.87 -9.23
C ILE A 126 -35.22 -11.08 -8.37
N LEU A 127 -35.54 -10.09 -7.53
CA LEU A 127 -36.73 -10.20 -6.71
C LEU A 127 -37.99 -10.22 -7.57
N MET A 128 -38.00 -9.44 -8.65
CA MET A 128 -39.19 -9.41 -9.52
C MET A 128 -39.43 -10.77 -10.17
N VAL A 129 -38.37 -11.40 -10.70
CA VAL A 129 -38.55 -12.70 -11.33
C VAL A 129 -38.90 -13.76 -10.29
N TRP A 130 -38.32 -13.66 -9.09
CA TRP A 130 -38.68 -14.61 -8.03
C TRP A 130 -40.14 -14.47 -7.62
N ILE A 131 -40.65 -13.24 -7.55
CA ILE A 131 -42.05 -13.04 -7.20
C ILE A 131 -42.96 -13.53 -8.32
N VAL A 132 -42.58 -13.31 -9.58
CA VAL A 132 -43.40 -13.80 -10.69
C VAL A 132 -43.46 -15.33 -10.67
N SER A 133 -42.30 -15.96 -10.47
CA SER A 133 -42.27 -17.42 -10.37
C SER A 133 -43.06 -17.91 -9.16
N GLY A 134 -42.96 -17.22 -8.03
CA GLY A 134 -43.71 -17.62 -6.85
C GLY A 134 -45.21 -17.54 -7.07
N LEU A 135 -45.67 -16.48 -7.74
CA LEU A 135 -47.08 -16.38 -8.06
C LEU A 135 -47.51 -17.52 -8.99
N THR A 136 -46.76 -17.73 -10.08
CA THR A 136 -47.12 -18.74 -11.05
C THR A 136 -47.01 -20.15 -10.48
N SER A 137 -46.31 -20.33 -9.37
CA SER A 137 -46.19 -21.64 -8.74
C SER A 137 -47.26 -21.84 -7.66
N PHE A 138 -47.47 -20.83 -6.82
CA PHE A 138 -48.42 -20.96 -5.71
C PHE A 138 -49.86 -20.91 -6.21
N LEU A 139 -50.22 -19.85 -6.95
CA LEU A 139 -51.63 -19.61 -7.24
C LEU A 139 -52.28 -20.73 -8.03
N PRO A 140 -51.73 -21.20 -9.16
CA PRO A 140 -52.46 -22.24 -9.93
C PRO A 140 -52.70 -23.52 -9.16
N ILE A 141 -51.77 -23.92 -8.29
CA ILE A 141 -51.96 -25.13 -7.51
C ILE A 141 -53.11 -24.97 -6.52
N GLN A 142 -53.15 -23.82 -5.84
CA GLN A 142 -54.10 -23.61 -4.76
C GLN A 142 -55.53 -23.40 -5.23
N MET A 143 -55.74 -23.02 -6.48
CA MET A 143 -57.09 -22.85 -7.02
C MET A 143 -57.66 -24.16 -7.57
N HIS A 144 -56.90 -25.25 -7.50
CA HIS A 144 -57.38 -26.58 -7.83
C HIS A 144 -57.81 -26.71 -9.29
N TRP A 145 -57.07 -26.07 -10.19
CA TRP A 145 -57.33 -26.25 -11.61
C TRP A 145 -56.71 -27.51 -12.18
N TYR A 146 -55.93 -28.25 -11.37
CA TYR A 146 -55.41 -29.54 -11.81
C TYR A 146 -56.39 -30.67 -11.61
N ARG A 147 -57.61 -30.39 -11.16
CA ARG A 147 -58.62 -31.42 -10.98
C ARG A 147 -58.92 -32.13 -12.29
N ALA A 148 -59.12 -33.44 -12.20
CA ALA A 148 -59.45 -34.27 -13.36
C ALA A 148 -60.75 -35.02 -13.10
N THR A 149 -61.38 -35.45 -14.19
CA THR A 149 -62.61 -36.22 -14.09
C THR A 149 -62.37 -37.71 -13.89
N HIS A 150 -61.11 -38.14 -13.88
CA HIS A 150 -60.81 -39.55 -13.67
C HIS A 150 -61.17 -39.97 -12.26
N GLN A 151 -61.72 -41.18 -12.13
CA GLN A 151 -62.11 -41.69 -10.81
C GLN A 151 -60.89 -41.88 -9.91
N GLU A 152 -59.77 -42.34 -10.48
CA GLU A 152 -58.55 -42.51 -9.70
C GLU A 152 -58.06 -41.16 -9.17
N ALA A 153 -58.14 -40.12 -9.99
CA ALA A 153 -57.74 -38.79 -9.54
C ALA A 153 -58.63 -38.31 -8.40
N ILE A 154 -59.94 -38.54 -8.51
CA ILE A 154 -60.86 -38.14 -7.44
C ILE A 154 -60.52 -38.89 -6.15
N ASN A 155 -60.26 -40.19 -6.26
CA ASN A 155 -59.92 -40.98 -5.08
C ASN A 155 -58.63 -40.49 -4.44
N CYS A 156 -57.62 -40.20 -5.25
CA CYS A 156 -56.34 -39.76 -4.70
C CYS A 156 -56.45 -38.38 -4.08
N TYR A 157 -57.31 -37.51 -4.65
CA TYR A 157 -57.51 -36.20 -4.05
C TYR A 157 -58.08 -36.32 -2.63
N ALA A 158 -59.04 -37.21 -2.44
CA ALA A 158 -59.60 -37.48 -1.11
C ALA A 158 -58.87 -38.63 -0.43
N GLU A 159 -57.54 -38.52 -0.38
CA GLU A 159 -56.71 -39.55 0.24
C GLU A 159 -55.41 -38.90 0.69
N GLU A 160 -54.86 -39.40 1.80
CA GLU A 160 -53.75 -38.76 2.48
C GLU A 160 -52.44 -39.51 2.33
N THR A 161 -52.34 -40.41 1.35
CA THR A 161 -51.10 -41.15 1.17
C THR A 161 -50.56 -41.11 -0.24
N CYS A 162 -51.42 -41.11 -1.26
CA CYS A 162 -50.96 -41.26 -2.64
C CYS A 162 -50.06 -40.10 -3.05
N CYS A 163 -50.62 -38.90 -3.10
CA CYS A 163 -49.88 -37.71 -3.56
C CYS A 163 -49.21 -37.96 -4.90
N ASP A 164 -49.98 -38.50 -5.85
CA ASP A 164 -49.55 -38.66 -7.23
C ASP A 164 -49.98 -37.42 -8.01
N PHE A 165 -48.98 -36.79 -8.62
CA PHE A 165 -49.25 -35.55 -9.36
C PHE A 165 -50.10 -35.91 -10.55
N PHE A 166 -51.37 -35.56 -10.50
CA PHE A 166 -52.23 -35.74 -11.66
C PHE A 166 -52.51 -34.40 -12.31
N THR A 167 -52.39 -34.35 -13.63
CA THR A 167 -52.41 -33.11 -14.38
C THR A 167 -53.66 -33.00 -15.24
N ASN A 168 -54.28 -31.83 -15.21
CA ASN A 168 -55.35 -31.50 -16.14
C ASN A 168 -54.75 -31.05 -17.45
N GLN A 169 -55.41 -31.40 -18.56
CA GLN A 169 -54.85 -31.15 -19.88
C GLN A 169 -54.58 -29.67 -20.09
N ALA A 170 -55.57 -28.82 -19.79
CA ALA A 170 -55.39 -27.38 -19.96
C ALA A 170 -54.29 -26.87 -19.05
N TYR A 171 -54.26 -27.32 -17.79
CA TYR A 171 -53.22 -26.88 -16.88
C TYR A 171 -51.84 -27.35 -17.32
N ALA A 172 -51.74 -28.60 -17.78
CA ALA A 172 -50.45 -29.10 -18.24
C ALA A 172 -49.94 -28.28 -19.42
N ILE A 173 -50.81 -28.03 -20.40
CA ILE A 173 -50.41 -27.25 -21.57
C ILE A 173 -49.99 -25.84 -21.16
N ALA A 174 -50.79 -25.21 -20.30
CA ALA A 174 -50.48 -23.84 -19.88
C ALA A 174 -49.15 -23.77 -19.14
N SER A 175 -48.96 -24.70 -18.20
CA SER A 175 -47.70 -24.72 -17.41
C SER A 175 -46.51 -24.93 -18.34
N SER A 176 -46.62 -25.88 -19.27
CA SER A 176 -45.49 -26.18 -20.16
C SER A 176 -45.18 -25.00 -21.08
N ILE A 177 -46.21 -24.27 -21.53
CA ILE A 177 -45.94 -23.19 -22.46
C ILE A 177 -45.50 -21.92 -21.72
N VAL A 178 -45.81 -21.80 -20.43
CA VAL A 178 -45.40 -20.59 -19.71
C VAL A 178 -44.22 -20.80 -18.77
N SER A 179 -43.68 -22.01 -18.68
CA SER A 179 -42.57 -22.26 -17.78
C SER A 179 -41.33 -22.81 -18.45
N PHE A 180 -41.45 -23.53 -19.55
CA PHE A 180 -40.30 -24.15 -20.18
C PHE A 180 -40.29 -24.06 -21.69
N TYR A 181 -41.25 -23.39 -22.31
CA TYR A 181 -41.24 -23.26 -23.77
C TYR A 181 -41.01 -21.84 -24.25
N VAL A 182 -41.63 -20.84 -23.63
CA VAL A 182 -41.39 -19.45 -24.01
C VAL A 182 -40.02 -19.00 -23.51
N PRO A 183 -39.69 -19.11 -22.22
CA PRO A 183 -38.36 -18.69 -21.79
C PRO A 183 -37.23 -19.50 -22.41
N LEU A 184 -37.47 -20.77 -22.74
CA LEU A 184 -36.42 -21.54 -23.40
C LEU A 184 -36.10 -20.99 -24.78
N VAL A 185 -37.13 -20.73 -25.60
CA VAL A 185 -36.87 -20.19 -26.93
C VAL A 185 -36.27 -18.79 -26.81
N ILE A 186 -36.69 -18.02 -25.81
CA ILE A 186 -36.15 -16.66 -25.65
C ILE A 186 -34.67 -16.71 -25.31
N MET A 187 -34.28 -17.56 -24.37
CA MET A 187 -32.87 -17.64 -24.00
C MET A 187 -32.03 -18.17 -25.15
N VAL A 188 -32.55 -19.17 -25.89
CA VAL A 188 -31.79 -19.69 -27.03
C VAL A 188 -31.61 -18.61 -28.09
N PHE A 189 -32.68 -17.87 -28.40
CA PHE A 189 -32.60 -16.83 -29.42
C PHE A 189 -31.61 -15.75 -29.01
N VAL A 190 -31.70 -15.27 -27.77
CA VAL A 190 -30.83 -14.20 -27.31
C VAL A 190 -29.37 -14.63 -27.30
N TYR A 191 -29.09 -15.85 -26.82
CA TYR A 191 -27.70 -16.26 -26.79
C TYR A 191 -27.17 -16.60 -28.18
N SER A 192 -28.05 -17.02 -29.10
CA SER A 192 -27.63 -17.16 -30.48
C SER A 192 -27.24 -15.80 -31.07
N ARG A 193 -28.01 -14.76 -30.75
CA ARG A 193 -27.64 -13.43 -31.20
C ARG A 193 -26.31 -12.98 -30.59
N VAL A 194 -26.06 -13.34 -29.33
CA VAL A 194 -24.78 -13.02 -28.71
C VAL A 194 -23.64 -13.68 -29.46
N PHE A 195 -23.74 -14.99 -29.71
CA PHE A 195 -22.68 -15.63 -30.47
C PHE A 195 -22.63 -15.23 -31.94
N GLN A 196 -23.65 -14.57 -32.48
CA GLN A 196 -23.48 -14.05 -33.83
C GLN A 196 -23.01 -12.59 -33.85
N GLU A 197 -22.95 -11.91 -32.70
CA GLU A 197 -22.24 -10.64 -32.67
C GLU A 197 -20.98 -10.65 -31.80
N ALA A 198 -20.78 -11.68 -30.98
CA ALA A 198 -19.52 -11.84 -30.27
C ALA A 198 -18.49 -12.62 -31.07
N LYS A 199 -18.88 -13.15 -32.22
CA LYS A 199 -17.94 -13.70 -33.19
C LYS A 199 -17.64 -12.73 -34.32
N ARG A 200 -18.24 -11.53 -34.30
CA ARG A 200 -17.93 -10.47 -35.24
C ARG A 200 -16.93 -9.47 -34.69
N GLN A 201 -16.98 -9.20 -33.38
CA GLN A 201 -16.02 -8.29 -32.77
C GLN A 201 -14.59 -8.79 -32.92
N LEU A 202 -14.41 -10.10 -33.09
CA LEU A 202 -13.10 -10.67 -33.37
C LEU A 202 -12.74 -10.60 -34.86
N ASP A 203 -13.46 -9.79 -35.63
CA ASP A 203 -13.17 -9.56 -37.04
C ASP A 203 -13.29 -8.07 -37.35
N ALA A 204 -12.69 -7.25 -36.49
CA ALA A 204 -12.81 -5.80 -36.56
C ALA A 204 -11.66 -5.14 -37.30
N ASP A 205 -10.82 -5.92 -37.99
CA ASP A 205 -9.64 -5.49 -38.73
C ASP A 205 -8.52 -5.00 -37.83
N GLU A 206 -8.73 -4.94 -36.52
CA GLU A 206 -7.66 -4.68 -35.56
C GLU A 206 -7.05 -5.98 -35.05
N ILE A 207 -7.89 -6.89 -34.55
CA ILE A 207 -7.40 -8.19 -34.10
C ILE A 207 -6.78 -8.97 -35.25
N LYS A 208 -7.20 -8.68 -36.48
CA LYS A 208 -6.50 -9.26 -37.64
C LYS A 208 -5.06 -8.76 -37.71
N ARG A 209 -4.84 -7.47 -37.47
CA ARG A 209 -3.48 -6.94 -37.49
C ARG A 209 -2.65 -7.54 -36.37
N LEU A 210 -3.23 -7.70 -35.18
CA LEU A 210 -2.50 -8.35 -34.10
C LEU A 210 -2.25 -9.82 -34.41
N GLY A 211 -3.14 -10.47 -35.18
CA GLY A 211 -2.87 -11.82 -35.62
C GLY A 211 -1.69 -11.89 -36.59
N LYS A 212 -1.61 -10.92 -37.50
CA LYS A 212 -0.45 -10.85 -38.38
C LYS A 212 0.82 -10.62 -37.57
N ARG A 213 0.75 -9.74 -36.57
CA ARG A 213 1.89 -9.51 -35.70
C ARG A 213 2.28 -10.78 -34.94
N PHE A 214 1.28 -11.52 -34.47
CA PHE A 214 1.54 -12.76 -33.75
C PHE A 214 2.22 -13.78 -34.65
N LYS A 215 1.75 -13.90 -35.89
CA LYS A 215 2.38 -14.82 -36.84
C LYS A 215 3.81 -14.39 -37.16
N LYS A 216 4.04 -13.09 -37.31
CA LYS A 216 5.38 -12.60 -37.60
C LYS A 216 6.32 -12.85 -36.43
N LEU A 217 5.84 -12.66 -35.20
CA LEU A 217 6.70 -12.77 -34.03
C LEU A 217 7.15 -14.20 -33.78
N ASP A 218 6.24 -15.16 -33.92
CA ASP A 218 6.56 -16.55 -33.61
C ASP A 218 7.58 -17.09 -34.60
N LEU A 219 8.58 -17.81 -34.08
CA LEU A 219 9.64 -18.37 -34.90
C LEU A 219 9.37 -19.81 -35.32
N ASP A 220 9.12 -20.69 -34.35
CA ASP A 220 8.89 -22.10 -34.63
C ASP A 220 7.56 -22.36 -35.33
N ASN A 221 6.68 -21.36 -35.40
CA ASN A 221 5.36 -21.51 -36.02
C ASN A 221 4.56 -22.64 -35.37
N SER A 222 4.68 -22.76 -34.05
CA SER A 222 3.94 -23.75 -33.28
C SER A 222 2.70 -23.17 -32.62
N GLY A 223 2.41 -21.89 -32.83
CA GLY A 223 1.25 -21.27 -32.23
C GLY A 223 1.42 -20.84 -30.79
N SER A 224 2.65 -20.84 -30.26
CA SER A 224 2.90 -20.49 -28.88
C SER A 224 4.07 -19.52 -28.80
N LEU A 225 4.07 -18.70 -27.74
CA LEU A 225 5.13 -17.75 -27.48
C LEU A 225 5.81 -18.10 -26.16
N SER A 226 7.11 -18.39 -26.22
CA SER A 226 7.89 -18.73 -25.05
C SER A 226 8.74 -17.54 -24.61
N VAL A 227 9.47 -17.73 -23.51
CA VAL A 227 10.29 -16.63 -22.98
C VAL A 227 11.42 -16.30 -23.94
N GLU A 228 12.00 -17.31 -24.59
CA GLU A 228 13.06 -17.06 -25.55
C GLU A 228 12.56 -16.22 -26.71
N GLU A 229 11.31 -16.44 -27.14
CA GLU A 229 10.78 -15.71 -28.29
C GLU A 229 10.46 -14.26 -27.93
N PHE A 230 10.04 -13.98 -26.70
CA PHE A 230 9.98 -12.60 -26.25
C PHE A 230 11.37 -11.98 -26.12
N MET A 231 12.38 -12.78 -25.76
CA MET A 231 13.72 -12.25 -25.62
C MET A 231 14.50 -12.26 -26.92
N SER A 232 13.87 -12.65 -28.03
CA SER A 232 14.51 -12.53 -29.33
C SER A 232 14.66 -11.09 -29.77
N LEU A 233 13.84 -10.18 -29.24
CA LEU A 233 13.93 -8.78 -29.60
C LEU A 233 15.19 -8.19 -28.98
N PRO A 234 16.13 -7.67 -29.78
CA PRO A 234 17.37 -7.14 -29.19
C PRO A 234 17.17 -5.92 -28.31
N GLU A 235 16.07 -5.20 -28.48
CA GLU A 235 15.79 -4.00 -27.68
C GLU A 235 14.85 -4.29 -26.52
N LEU A 236 14.84 -5.52 -26.03
CA LEU A 236 14.02 -5.90 -24.89
C LEU A 236 14.76 -6.82 -23.91
N GLN A 237 15.99 -7.22 -24.22
CA GLN A 237 16.74 -8.13 -23.36
C GLN A 237 17.23 -7.47 -22.09
N GLN A 238 17.12 -6.15 -21.95
CA GLN A 238 17.60 -5.45 -20.77
C GLN A 238 16.46 -4.93 -19.89
N ASN A 239 15.23 -5.31 -20.16
CA ASN A 239 14.12 -4.94 -19.29
C ASN A 239 14.17 -5.80 -18.03
N PRO A 240 14.20 -5.20 -16.83
CA PRO A 240 14.28 -6.02 -15.61
C PRO A 240 13.09 -6.93 -15.39
N LEU A 241 11.89 -6.35 -15.39
CA LEU A 241 10.66 -7.12 -15.18
C LEU A 241 9.98 -7.42 -16.51
N VAL A 242 10.67 -8.22 -17.32
CA VAL A 242 10.04 -8.76 -18.52
C VAL A 242 9.42 -10.13 -18.25
N GLN A 243 10.06 -10.97 -17.44
CA GLN A 243 9.52 -12.28 -17.14
C GLN A 243 8.15 -12.17 -16.47
N ARG A 244 7.97 -11.15 -15.63
CA ARG A 244 6.73 -11.05 -14.87
C ARG A 244 5.54 -10.76 -15.79
N VAL A 245 5.70 -9.90 -16.79
CA VAL A 245 4.57 -9.59 -17.66
C VAL A 245 4.16 -10.82 -18.46
N ILE A 246 5.14 -11.61 -18.89
CA ILE A 246 4.84 -12.90 -19.52
C ILE A 246 4.08 -13.78 -18.54
N ASP A 247 4.46 -13.76 -17.27
CA ASP A 247 3.79 -14.62 -16.29
C ASP A 247 2.36 -14.19 -16.02
N ILE A 248 2.03 -12.89 -16.11
CA ILE A 248 0.62 -12.52 -16.08
C ILE A 248 -0.08 -12.94 -17.37
N PHE A 249 0.58 -12.78 -18.52
CA PHE A 249 0.00 -13.28 -19.76
C PHE A 249 -0.26 -14.77 -19.70
N ASP A 250 0.71 -15.53 -19.21
CA ASP A 250 0.63 -16.99 -19.16
C ASP A 250 -0.37 -17.37 -18.07
N THR A 251 -1.63 -17.55 -18.46
CA THR A 251 -2.70 -17.77 -17.49
C THR A 251 -2.83 -19.21 -17.04
N ASP A 252 -2.78 -20.17 -17.98
CA ASP A 252 -3.02 -21.57 -17.64
C ASP A 252 -1.76 -22.31 -17.23
N GLY A 253 -0.62 -21.63 -17.15
CA GLY A 253 0.60 -22.26 -16.66
C GLY A 253 1.26 -23.23 -17.62
N ASN A 254 0.82 -23.26 -18.88
CA ASN A 254 1.37 -24.20 -19.85
C ASN A 254 2.84 -23.94 -20.14
N GLY A 255 3.32 -22.72 -19.89
CA GLY A 255 4.68 -22.34 -20.16
C GLY A 255 4.86 -21.40 -21.33
N GLU A 256 3.81 -21.15 -22.11
CA GLU A 256 3.90 -20.29 -23.28
C GLU A 256 2.62 -19.49 -23.43
N VAL A 257 2.66 -18.49 -24.30
CA VAL A 257 1.53 -17.61 -24.57
C VAL A 257 0.96 -17.97 -25.94
N ASP A 258 -0.37 -18.06 -26.02
CA ASP A 258 -1.08 -18.32 -27.26
C ASP A 258 -2.04 -17.18 -27.56
N PHE A 259 -2.54 -17.16 -28.80
CA PHE A 259 -3.36 -16.04 -29.26
C PHE A 259 -4.68 -15.93 -28.50
N LYS A 260 -5.08 -16.97 -27.76
CA LYS A 260 -6.31 -16.86 -26.99
C LYS A 260 -6.13 -15.96 -25.78
N GLU A 261 -4.90 -15.88 -25.25
CA GLU A 261 -4.59 -15.10 -24.05
C GLU A 261 -3.71 -13.90 -24.34
N PHE A 262 -2.94 -13.94 -25.43
CA PHE A 262 -2.20 -12.78 -25.92
C PHE A 262 -3.10 -11.55 -26.02
N ILE A 263 -4.12 -11.61 -26.87
CA ILE A 263 -4.96 -10.46 -27.14
C ILE A 263 -5.93 -10.18 -26.00
N GLU A 264 -6.18 -11.16 -25.13
CA GLU A 264 -7.00 -10.88 -23.95
C GLU A 264 -6.20 -10.12 -22.90
N GLY A 265 -4.90 -10.39 -22.78
CA GLY A 265 -4.08 -9.64 -21.84
C GLY A 265 -3.64 -8.29 -22.33
N VAL A 266 -3.38 -8.17 -23.64
CA VAL A 266 -3.01 -6.87 -24.18
C VAL A 266 -4.17 -5.89 -24.09
N SER A 267 -5.41 -6.38 -24.26
CA SER A 267 -6.57 -5.52 -24.14
C SER A 267 -6.76 -4.96 -22.74
N GLN A 268 -6.06 -5.52 -21.74
CA GLN A 268 -6.09 -4.94 -20.40
C GLN A 268 -5.51 -3.53 -20.41
N PHE A 269 -4.52 -3.28 -21.27
CA PHE A 269 -3.91 -1.96 -21.41
C PHE A 269 -4.52 -1.24 -22.61
N SER A 270 -5.75 -0.80 -22.43
CA SER A 270 -6.48 -0.06 -23.45
C SER A 270 -7.11 1.17 -22.84
N VAL A 271 -7.34 2.18 -23.68
CA VAL A 271 -7.99 3.40 -23.21
C VAL A 271 -9.41 3.09 -22.75
N LYS A 272 -10.08 2.17 -23.44
CA LYS A 272 -11.45 1.79 -23.06
C LYS A 272 -11.49 1.12 -21.70
N GLY A 273 -10.37 0.58 -21.22
CA GLY A 273 -10.36 -0.05 -19.92
C GLY A 273 -10.50 0.94 -18.79
N ASP A 274 -10.80 0.42 -17.60
CA ASP A 274 -11.00 1.24 -16.42
C ASP A 274 -9.75 1.27 -15.56
N LYS A 275 -9.85 1.95 -14.41
CA LYS A 275 -8.75 2.00 -13.46
C LYS A 275 -8.49 0.63 -12.84
N GLU A 276 -9.58 -0.12 -12.59
CA GLU A 276 -9.47 -1.36 -11.82
C GLU A 276 -8.57 -2.38 -12.52
N GLN A 277 -8.70 -2.51 -13.85
CA GLN A 277 -7.95 -3.55 -14.56
C GLN A 277 -6.45 -3.26 -14.54
N LYS A 278 -6.07 -2.01 -14.85
CA LYS A 278 -4.66 -1.66 -14.87
C LYS A 278 -4.07 -1.72 -13.46
N LEU A 279 -4.83 -1.29 -12.45
CA LEU A 279 -4.34 -1.38 -11.08
C LEU A 279 -4.18 -2.83 -10.65
N ARG A 280 -5.08 -3.70 -11.10
CA ARG A 280 -4.95 -5.13 -10.81
C ARG A 280 -3.73 -5.73 -11.49
N PHE A 281 -3.42 -5.27 -12.71
CA PHE A 281 -2.19 -5.73 -13.35
C PHE A 281 -0.96 -5.29 -12.58
N ALA A 282 -0.96 -4.03 -12.13
CA ALA A 282 0.15 -3.56 -11.31
C ALA A 282 0.30 -4.41 -10.06
N PHE A 283 -0.83 -4.78 -9.44
CA PHE A 283 -0.79 -5.68 -8.30
C PHE A 283 -0.21 -7.04 -8.68
N ARG A 284 -0.67 -7.61 -9.79
CA ARG A 284 -0.24 -8.95 -10.21
C ARG A 284 1.20 -8.99 -10.66
N ILE A 285 1.83 -7.83 -10.85
CA ILE A 285 3.28 -7.82 -11.04
C ILE A 285 3.99 -8.40 -9.82
N TYR A 286 3.46 -8.13 -8.62
CA TYR A 286 4.14 -8.50 -7.38
C TYR A 286 3.92 -9.97 -7.00
N ASP A 287 2.67 -10.44 -7.08
CA ASP A 287 2.34 -11.83 -6.74
C ASP A 287 3.19 -12.82 -7.53
N MET A 288 4.05 -13.57 -6.87
CA MET A 288 4.85 -14.57 -7.53
C MET A 288 4.21 -15.96 -7.49
N ASP A 289 2.98 -16.05 -6.98
CA ASP A 289 2.24 -17.31 -6.96
C ASP A 289 0.79 -17.15 -7.44
N LYS A 290 0.37 -15.93 -7.75
CA LYS A 290 -1.01 -15.63 -8.17
C LYS A 290 -2.04 -16.05 -7.14
N ASP A 291 -1.63 -16.26 -5.89
CA ASP A 291 -2.54 -16.70 -4.85
C ASP A 291 -3.32 -15.55 -4.21
N GLY A 292 -3.00 -14.30 -4.56
CA GLY A 292 -3.76 -13.15 -4.10
C GLY A 292 -3.11 -12.35 -2.99
N TYR A 293 -1.98 -12.80 -2.45
CA TYR A 293 -1.34 -12.12 -1.32
C TYR A 293 0.13 -11.89 -1.61
N ILE A 294 0.63 -10.74 -1.14
CA ILE A 294 2.04 -10.37 -1.27
C ILE A 294 2.70 -10.60 0.08
N SER A 295 3.67 -11.50 0.11
CA SER A 295 4.39 -11.82 1.34
C SER A 295 5.59 -10.90 1.49
N ASN A 296 6.47 -11.21 2.44
CA ASN A 296 7.73 -10.50 2.55
C ASN A 296 8.72 -10.94 1.48
N GLY A 297 8.78 -12.24 1.19
CA GLY A 297 9.72 -12.72 0.20
C GLY A 297 9.39 -12.25 -1.21
N GLU A 298 8.10 -12.20 -1.54
CA GLU A 298 7.69 -11.75 -2.87
C GLU A 298 8.01 -10.27 -3.06
N LEU A 299 7.60 -9.43 -2.12
CA LEU A 299 7.88 -8.00 -2.22
C LEU A 299 9.35 -7.68 -2.05
N PHE A 300 10.14 -8.61 -1.51
CA PHE A 300 11.58 -8.35 -1.45
C PHE A 300 12.26 -8.74 -2.75
N GLN A 301 11.90 -9.89 -3.33
CA GLN A 301 12.57 -10.31 -4.56
C GLN A 301 12.15 -9.47 -5.76
N VAL A 302 10.89 -9.01 -5.77
CA VAL A 302 10.46 -8.12 -6.85
C VAL A 302 11.30 -6.86 -6.89
N LEU A 303 11.56 -6.27 -5.72
CA LEU A 303 12.40 -5.08 -5.66
C LEU A 303 13.89 -5.40 -5.79
N LYS A 304 14.30 -6.62 -5.46
CA LYS A 304 15.71 -6.95 -5.61
C LYS A 304 16.10 -7.17 -7.06
N MET A 305 15.16 -7.61 -7.90
CA MET A 305 15.50 -7.72 -9.32
C MET A 305 15.55 -6.35 -9.99
N MET A 306 14.96 -5.32 -9.38
CA MET A 306 14.91 -3.99 -9.95
C MET A 306 16.06 -3.10 -9.46
N VAL A 307 16.22 -2.98 -8.14
CA VAL A 307 17.24 -2.09 -7.60
C VAL A 307 18.66 -2.63 -7.76
N GLY A 308 18.80 -3.88 -8.16
CA GLY A 308 20.14 -4.44 -8.33
C GLY A 308 20.92 -4.43 -7.04
N ASN A 309 22.12 -3.88 -7.09
CA ASN A 309 23.02 -3.83 -5.94
C ASN A 309 23.27 -2.38 -5.53
N ASN A 310 22.24 -1.53 -5.64
CA ASN A 310 22.36 -0.14 -5.25
C ASN A 310 22.04 0.11 -3.79
N LEU A 311 21.38 -0.84 -3.13
CA LEU A 311 21.13 -0.78 -1.69
C LEU A 311 21.67 -2.04 -1.04
N LYS A 312 22.08 -1.92 0.21
CA LYS A 312 22.46 -3.10 0.97
C LYS A 312 21.27 -4.04 1.12
N ASP A 313 21.57 -5.33 1.26
CA ASP A 313 20.49 -6.30 1.47
C ASP A 313 19.74 -5.99 2.75
N THR A 314 20.45 -5.66 3.83
CA THR A 314 19.80 -5.36 5.10
C THR A 314 18.91 -4.14 4.99
N GLN A 315 19.37 -3.10 4.28
CA GLN A 315 18.56 -1.90 4.13
C GLN A 315 17.27 -2.17 3.38
N LEU A 316 17.35 -2.93 2.29
CA LEU A 316 16.15 -3.26 1.54
C LEU A 316 15.19 -4.10 2.37
N GLN A 317 15.72 -5.08 3.11
CA GLN A 317 14.85 -5.88 3.97
C GLN A 317 14.17 -5.01 5.02
N GLN A 318 14.91 -4.06 5.60
CA GLN A 318 14.34 -3.21 6.64
C GLN A 318 13.23 -2.32 6.10
N ILE A 319 13.44 -1.69 4.94
CA ILE A 319 12.40 -0.85 4.40
C ILE A 319 11.18 -1.68 4.00
N VAL A 320 11.40 -2.92 3.54
CA VAL A 320 10.27 -3.79 3.21
C VAL A 320 9.49 -4.16 4.47
N ASP A 321 10.18 -4.48 5.56
CA ASP A 321 9.52 -4.80 6.82
C ASP A 321 8.67 -3.62 7.29
N LYS A 322 9.24 -2.42 7.27
CA LYS A 322 8.49 -1.26 7.69
C LYS A 322 7.27 -1.02 6.81
N THR A 323 7.43 -1.20 5.48
CA THR A 323 6.29 -1.04 4.58
C THR A 323 5.18 -2.01 4.90
N ILE A 324 5.53 -3.29 5.09
CA ILE A 324 4.51 -4.31 5.34
C ILE A 324 3.81 -4.05 6.68
N ILE A 325 4.57 -3.67 7.71
CA ILE A 325 3.94 -3.35 8.99
C ILE A 325 3.02 -2.14 8.87
N ASN A 326 3.41 -1.16 8.06
CA ASN A 326 2.54 -0.01 7.82
C ASN A 326 1.37 -0.35 6.91
N ALA A 327 1.38 -1.50 6.25
CA ALA A 327 0.29 -1.90 5.37
C ALA A 327 -0.68 -2.89 6.00
N ASP A 328 -0.25 -3.66 7.00
CA ASP A 328 -1.11 -4.66 7.63
C ASP A 328 -2.24 -3.97 8.38
N LYS A 329 -3.45 -4.02 7.83
CA LYS A 329 -4.63 -3.51 8.50
C LYS A 329 -5.39 -4.58 9.27
N ASP A 330 -4.94 -5.84 9.23
CA ASP A 330 -5.61 -6.93 9.93
C ASP A 330 -4.69 -7.81 10.75
N GLY A 331 -3.39 -7.84 10.46
CA GLY A 331 -2.45 -8.64 11.22
C GLY A 331 -2.04 -9.94 10.61
N ASP A 332 -2.45 -10.23 9.37
CA ASP A 332 -2.05 -11.47 8.72
C ASP A 332 -0.55 -11.52 8.49
N GLY A 333 0.04 -10.40 8.08
CA GLY A 333 1.42 -10.37 7.66
C GLY A 333 1.63 -10.30 6.16
N ARG A 334 0.56 -10.14 5.38
CA ARG A 334 0.63 -10.02 3.93
C ARG A 334 -0.38 -8.97 3.50
N ILE A 335 -0.20 -8.47 2.28
CA ILE A 335 -1.03 -7.39 1.75
C ILE A 335 -1.99 -7.97 0.72
N SER A 336 -3.28 -7.68 0.88
CA SER A 336 -4.30 -8.06 -0.09
C SER A 336 -4.45 -6.93 -1.11
N PHE A 337 -5.42 -7.07 -2.01
CA PHE A 337 -5.64 -6.02 -2.99
C PHE A 337 -6.35 -4.81 -2.40
N GLU A 338 -7.18 -5.00 -1.37
CA GLU A 338 -7.82 -3.85 -0.74
C GLU A 338 -6.81 -3.04 0.06
N GLU A 339 -5.89 -3.71 0.77
CA GLU A 339 -4.82 -2.99 1.45
C GLU A 339 -3.91 -2.28 0.46
N PHE A 340 -3.66 -2.91 -0.68
CA PHE A 340 -2.88 -2.28 -1.74
C PHE A 340 -3.57 -1.02 -2.25
N CYS A 341 -4.88 -1.09 -2.50
CA CYS A 341 -5.61 0.08 -2.96
C CYS A 341 -5.74 1.15 -1.88
N ALA A 342 -5.65 0.77 -0.62
CA ALA A 342 -5.53 1.78 0.44
C ALA A 342 -4.17 2.45 0.38
N VAL A 343 -3.12 1.67 0.11
CA VAL A 343 -1.77 2.24 0.05
C VAL A 343 -1.57 3.03 -1.24
N VAL A 344 -1.86 2.42 -2.38
CA VAL A 344 -1.69 3.05 -3.68
C VAL A 344 -3.06 3.33 -4.27
N GLY A 345 -3.14 4.37 -5.09
CA GLY A 345 -4.41 4.92 -5.52
C GLY A 345 -4.51 6.36 -5.11
N GLY A 346 -4.46 7.25 -6.10
CA GLY A 346 -4.17 8.65 -5.90
C GLY A 346 -2.82 9.06 -6.47
N LEU A 347 -1.92 8.09 -6.66
CA LEU A 347 -0.71 8.32 -7.43
C LEU A 347 -1.00 8.51 -8.91
N ASP A 348 -2.22 8.21 -9.35
CA ASP A 348 -2.63 8.32 -10.75
C ASP A 348 -1.77 7.43 -11.64
N ILE A 349 -1.78 6.14 -11.32
CA ILE A 349 -1.04 5.16 -12.11
C ILE A 349 -1.86 4.61 -13.28
N HIS A 350 -3.18 4.73 -13.24
CA HIS A 350 -4.00 4.27 -14.35
C HIS A 350 -3.78 5.10 -15.61
N LYS A 351 -3.27 6.32 -15.48
CA LYS A 351 -2.99 7.19 -16.62
C LYS A 351 -1.62 6.95 -17.23
N LYS A 352 -0.79 6.10 -16.61
CA LYS A 352 0.56 5.86 -17.11
C LYS A 352 0.68 4.57 -17.92
N MET A 353 -0.16 3.57 -17.65
CA MET A 353 -0.15 2.33 -18.43
C MET A 353 -1.15 2.49 -19.57
N VAL A 354 -0.69 3.05 -20.68
CA VAL A 354 -1.56 3.42 -21.79
C VAL A 354 -0.96 2.87 -23.08
N VAL A 355 -1.82 2.26 -23.91
CA VAL A 355 -1.43 1.79 -25.22
C VAL A 355 -2.51 2.26 -26.20
N ASP A 356 -2.15 2.32 -27.49
CA ASP A 356 -3.04 2.85 -28.52
C ASP A 356 -4.18 1.91 -28.87
N VAL A 357 -4.18 0.67 -28.38
CA VAL A 357 -5.17 -0.31 -28.83
C VAL A 357 -6.58 0.18 -28.51
N LYS A 358 -7.53 -0.16 -29.38
CA LYS A 358 -8.91 0.31 -29.27
C LYS A 358 -9.92 -0.83 -29.20
N PHE A 359 -9.50 -2.02 -28.81
CA PHE A 359 -10.40 -3.15 -28.65
C PHE A 359 -10.47 -3.56 -27.19
N CYS A 360 -11.67 -3.70 -26.67
CA CYS A 360 -11.91 -4.13 -25.29
C CYS A 360 -12.62 -5.48 -25.32
N LEU A 361 -12.01 -6.47 -24.67
CA LEU A 361 -12.50 -7.85 -24.64
C LEU A 361 -12.60 -8.35 -23.21
N LYS A 362 -13.06 -7.50 -22.30
CA LYS A 362 -13.12 -7.86 -20.89
C LYS A 362 -14.44 -8.51 -20.50
N GLU A 363 -15.40 -8.62 -21.41
CA GLU A 363 -16.63 -9.35 -21.15
C GLU A 363 -16.71 -10.68 -21.89
N HIS A 364 -15.80 -10.95 -22.81
CA HIS A 364 -15.76 -12.20 -23.56
C HIS A 364 -15.15 -13.35 -22.77
N LYS A 365 -15.00 -13.19 -21.45
CA LYS A 365 -14.34 -14.20 -20.63
C LYS A 365 -15.30 -15.20 -19.99
N ALA A 366 -16.57 -14.84 -19.83
CA ALA A 366 -17.53 -15.68 -19.15
C ALA A 366 -18.60 -16.25 -20.09
N LEU A 367 -18.48 -16.05 -21.40
CA LEU A 367 -19.49 -16.59 -22.31
C LEU A 367 -19.46 -18.10 -22.37
N LYS A 368 -18.28 -18.72 -22.25
CA LYS A 368 -18.22 -20.16 -22.46
C LYS A 368 -18.84 -20.93 -21.31
N THR A 369 -18.55 -20.55 -20.07
CA THR A 369 -19.15 -21.26 -18.94
C THR A 369 -20.65 -21.05 -18.90
N LEU A 370 -21.12 -19.83 -19.14
CA LEU A 370 -22.55 -19.59 -19.18
C LEU A 370 -23.21 -20.37 -20.31
N GLY A 371 -22.56 -20.44 -21.47
CA GLY A 371 -23.10 -21.23 -22.56
C GLY A 371 -23.19 -22.70 -22.23
N ILE A 372 -22.16 -23.25 -21.58
CA ILE A 372 -22.20 -24.64 -21.16
C ILE A 372 -23.33 -24.85 -20.16
N ILE A 373 -23.51 -23.91 -19.23
CA ILE A 373 -24.59 -24.03 -18.25
C ILE A 373 -25.94 -24.11 -18.95
N MET A 374 -26.19 -23.16 -19.87
CA MET A 374 -27.47 -23.14 -20.56
C MET A 374 -27.68 -24.41 -21.38
N GLY A 375 -26.65 -24.83 -22.12
CA GLY A 375 -26.79 -26.00 -22.97
C GLY A 375 -27.05 -27.26 -22.19
N THR A 376 -26.27 -27.49 -21.13
CA THR A 376 -26.46 -28.68 -20.30
C THR A 376 -27.82 -28.67 -19.63
N PHE A 377 -28.24 -27.51 -19.11
CA PHE A 377 -29.52 -27.44 -18.42
C PHE A 377 -30.67 -27.73 -19.37
N THR A 378 -30.67 -27.10 -20.54
CA THR A 378 -31.73 -27.36 -21.52
C THR A 378 -31.72 -28.81 -21.97
N LEU A 379 -30.54 -29.36 -22.26
CA LEU A 379 -30.45 -30.74 -22.73
C LEU A 379 -30.99 -31.70 -21.69
N CYS A 380 -30.69 -31.47 -20.42
CA CYS A 380 -31.13 -32.41 -19.40
C CYS A 380 -32.61 -32.26 -19.07
N TRP A 381 -33.14 -31.04 -19.03
CA TRP A 381 -34.53 -30.86 -18.62
C TRP A 381 -35.52 -30.90 -19.77
N LEU A 382 -35.06 -30.93 -21.03
CA LEU A 382 -36.01 -31.05 -22.14
C LEU A 382 -36.72 -32.40 -22.18
N PRO A 383 -36.05 -33.56 -22.02
CA PRO A 383 -36.76 -34.84 -22.17
C PRO A 383 -37.95 -34.99 -21.24
N PHE A 384 -37.86 -34.47 -20.02
CA PHE A 384 -38.99 -34.58 -19.10
C PHE A 384 -40.21 -33.87 -19.66
N PHE A 385 -40.03 -32.67 -20.19
CA PHE A 385 -41.17 -31.93 -20.75
C PHE A 385 -41.67 -32.56 -22.04
N ILE A 386 -40.77 -33.11 -22.87
CA ILE A 386 -41.27 -33.71 -24.11
C ILE A 386 -42.06 -34.98 -23.81
N VAL A 387 -41.61 -35.78 -22.84
CA VAL A 387 -42.37 -36.98 -22.49
C VAL A 387 -43.65 -36.62 -21.77
N ASN A 388 -43.65 -35.53 -20.98
CA ASN A 388 -44.90 -35.06 -20.37
C ASN A 388 -45.90 -34.65 -21.44
N ILE A 389 -45.43 -33.93 -22.47
CA ILE A 389 -46.31 -33.54 -23.57
C ILE A 389 -46.83 -34.78 -24.30
N VAL A 390 -45.96 -35.76 -24.53
CA VAL A 390 -46.41 -36.99 -25.18
C VAL A 390 -47.49 -37.68 -24.34
N HIS A 391 -47.30 -37.73 -23.02
CA HIS A 391 -48.26 -38.39 -22.15
C HIS A 391 -49.59 -37.66 -22.12
N VAL A 392 -49.57 -36.33 -22.10
CA VAL A 392 -50.84 -35.59 -21.96
C VAL A 392 -51.72 -35.77 -23.19
N ILE A 393 -51.13 -35.97 -24.36
CA ILE A 393 -51.93 -36.24 -25.55
C ILE A 393 -52.54 -37.64 -25.45
N GLN A 394 -53.59 -37.87 -26.24
CA GLN A 394 -54.32 -39.13 -26.22
C GLN A 394 -53.48 -40.32 -26.70
N ASP A 395 -52.22 -40.09 -27.11
CA ASP A 395 -51.37 -41.19 -27.52
C ASP A 395 -51.13 -42.16 -26.36
N ASN A 396 -50.72 -41.64 -25.22
CA ASN A 396 -50.56 -42.41 -23.97
C ASN A 396 -49.66 -43.62 -24.18
N LEU A 397 -48.41 -43.34 -24.55
CA LEU A 397 -47.44 -44.42 -24.68
C LEU A 397 -47.06 -44.98 -23.31
N ILE A 398 -46.55 -46.20 -23.31
CA ILE A 398 -46.19 -46.88 -22.07
C ILE A 398 -44.83 -46.41 -21.59
N ARG A 399 -44.83 -45.36 -20.76
CA ARG A 399 -43.61 -44.78 -20.21
C ARG A 399 -43.79 -44.41 -18.74
N LYS A 400 -44.45 -45.27 -17.97
CA LYS A 400 -44.75 -44.94 -16.58
C LYS A 400 -43.48 -44.93 -15.72
N GLU A 401 -42.43 -45.61 -16.16
CA GLU A 401 -41.21 -45.69 -15.38
C GLU A 401 -40.18 -44.62 -15.77
N VAL A 402 -39.90 -44.47 -17.06
CA VAL A 402 -38.90 -43.49 -17.49
C VAL A 402 -39.36 -42.07 -17.19
N TYR A 403 -40.68 -41.84 -17.12
CA TYR A 403 -41.21 -40.54 -16.76
C TYR A 403 -40.76 -40.12 -15.37
N ILE A 404 -40.41 -41.07 -14.52
CA ILE A 404 -39.84 -40.75 -13.21
C ILE A 404 -38.32 -40.64 -13.26
N LEU A 405 -37.67 -41.46 -14.09
CA LEU A 405 -36.22 -41.40 -14.21
C LEU A 405 -35.75 -40.07 -14.79
N LEU A 406 -36.51 -39.49 -15.72
CA LEU A 406 -36.14 -38.19 -16.26
C LEU A 406 -36.21 -37.09 -15.20
N ASN A 407 -37.08 -37.24 -14.20
CA ASN A 407 -37.09 -36.29 -13.09
C ASN A 407 -35.78 -36.33 -12.31
N TRP A 408 -35.25 -37.53 -12.07
CA TRP A 408 -33.97 -37.64 -11.38
C TRP A 408 -32.83 -37.15 -12.27
N ILE A 409 -32.96 -37.34 -13.58
CA ILE A 409 -32.02 -36.71 -14.51
C ILE A 409 -32.02 -35.20 -14.32
N GLY A 410 -33.21 -34.61 -14.22
CA GLY A 410 -33.30 -33.18 -13.99
C GLY A 410 -32.69 -32.76 -12.67
N TYR A 411 -32.87 -33.58 -11.64
CA TYR A 411 -32.26 -33.26 -10.34
C TYR A 411 -30.73 -33.28 -10.43
N VAL A 412 -30.17 -34.29 -11.10
CA VAL A 412 -28.72 -34.34 -11.27
C VAL A 412 -28.26 -33.13 -12.08
N ASN A 413 -29.05 -32.71 -13.06
CA ASN A 413 -28.73 -31.50 -13.81
C ASN A 413 -28.68 -30.28 -12.91
N SER A 414 -29.68 -30.14 -12.05
CA SER A 414 -29.69 -29.01 -11.10
C SER A 414 -28.49 -29.07 -10.17
N GLY A 415 -27.96 -30.26 -9.91
CA GLY A 415 -26.76 -30.36 -9.11
C GLY A 415 -25.47 -30.12 -9.87
N PHE A 416 -25.50 -30.24 -11.20
CA PHE A 416 -24.27 -30.20 -12.00
C PHE A 416 -23.51 -28.87 -11.94
N ASN A 417 -24.17 -27.77 -11.59
CA ASN A 417 -23.60 -26.44 -11.85
C ASN A 417 -22.23 -26.19 -11.21
N PRO A 418 -22.00 -26.47 -9.92
CA PRO A 418 -20.66 -26.20 -9.36
C PRO A 418 -19.56 -26.97 -10.06
N LEU A 419 -19.86 -28.14 -10.62
CA LEU A 419 -18.84 -28.88 -11.37
C LEU A 419 -18.35 -28.07 -12.58
N ILE A 420 -19.28 -27.40 -13.27
CA ILE A 420 -18.88 -26.55 -14.39
C ILE A 420 -18.16 -25.31 -13.89
N TYR A 421 -18.67 -24.68 -12.82
CA TYR A 421 -18.03 -23.46 -12.32
C TYR A 421 -16.64 -23.71 -11.78
N CYS A 422 -16.32 -24.93 -11.34
CA CYS A 422 -14.98 -25.22 -10.86
C CYS A 422 -13.93 -25.14 -11.97
N ARG A 423 -14.35 -25.25 -13.23
CA ARG A 423 -13.41 -25.19 -14.34
C ARG A 423 -12.73 -23.83 -14.44
N SER A 424 -13.43 -22.77 -14.05
CA SER A 424 -12.87 -21.42 -14.16
C SER A 424 -11.66 -21.27 -13.25
N PRO A 425 -10.53 -20.79 -13.77
CA PRO A 425 -9.31 -20.72 -12.93
C PRO A 425 -9.44 -19.80 -11.72
N ASP A 426 -10.18 -18.70 -11.83
CA ASP A 426 -10.28 -17.78 -10.70
C ASP A 426 -11.08 -18.38 -9.55
N PHE A 427 -12.07 -19.24 -9.85
CA PHE A 427 -12.80 -19.91 -8.79
C PHE A 427 -11.97 -20.95 -8.07
N ARG A 428 -10.93 -21.48 -8.72
CA ARG A 428 -10.14 -22.56 -8.12
C ARG A 428 -9.40 -22.08 -6.88
N ILE A 429 -8.69 -20.96 -6.98
CA ILE A 429 -7.87 -20.50 -5.86
C ILE A 429 -8.74 -20.04 -4.70
N ALA A 430 -9.94 -19.52 -5.00
CA ALA A 430 -10.88 -19.18 -3.94
C ALA A 430 -11.35 -20.43 -3.20
N PHE A 431 -11.59 -21.52 -3.94
CA PHE A 431 -11.94 -22.79 -3.31
C PHE A 431 -10.78 -23.32 -2.46
N GLN A 432 -9.54 -23.16 -2.94
CA GLN A 432 -8.39 -23.66 -2.21
C GLN A 432 -8.18 -22.92 -0.89
N GLU A 433 -8.76 -21.73 -0.76
CA GLU A 433 -8.66 -20.99 0.50
C GLU A 433 -9.32 -21.76 1.64
N LEU A 434 -10.50 -22.34 1.39
CA LEU A 434 -11.18 -23.12 2.41
C LEU A 434 -10.50 -24.47 2.63
N LEU A 435 -10.02 -25.08 1.55
CA LEU A 435 -9.34 -26.38 1.65
C LEU A 435 -7.97 -26.21 2.31
N THR B 13 8.61 -15.87 0.78
CA THR B 13 8.37 -16.74 1.93
C THR B 13 7.98 -15.92 3.15
N ASP B 14 8.68 -16.18 4.26
CA ASP B 14 8.51 -15.42 5.49
C ASP B 14 9.56 -14.35 5.67
N ARG B 15 10.82 -14.66 5.39
CA ARG B 15 11.91 -13.70 5.55
C ARG B 15 13.09 -14.20 4.73
N VAL B 16 13.48 -13.43 3.71
CA VAL B 16 14.57 -13.86 2.84
C VAL B 16 15.91 -13.81 3.57
N VAL B 17 16.16 -12.74 4.33
CA VAL B 17 17.34 -12.63 5.16
C VAL B 17 16.90 -12.46 6.62
N LYS B 18 17.39 -13.34 7.49
CA LYS B 18 16.94 -13.40 8.88
C LYS B 18 17.87 -12.70 9.85
N ALA B 19 18.97 -12.10 9.37
CA ALA B 19 19.91 -11.46 10.28
C ALA B 19 19.34 -10.17 10.86
N VAL B 20 18.53 -9.45 10.11
CA VAL B 20 18.00 -8.17 10.56
C VAL B 20 16.86 -8.43 11.56
N PRO B 21 16.93 -7.87 12.76
CA PRO B 21 15.84 -8.07 13.72
C PRO B 21 14.53 -7.50 13.20
N PHE B 22 13.44 -8.20 13.51
CA PHE B 22 12.12 -7.76 13.09
C PHE B 22 11.63 -6.64 14.02
N PRO B 23 11.25 -5.48 13.48
CA PRO B 23 10.63 -4.46 14.32
C PRO B 23 9.36 -4.97 14.96
N PRO B 24 9.22 -4.84 16.28
CA PRO B 24 7.97 -5.25 16.94
C PRO B 24 6.77 -4.49 16.39
N SER B 25 5.66 -5.22 16.24
CA SER B 25 4.47 -4.70 15.59
C SER B 25 3.38 -4.25 16.55
N HIS B 26 3.59 -4.40 17.85
CA HIS B 26 2.56 -4.08 18.84
C HIS B 26 2.95 -2.82 19.60
N ARG B 27 2.00 -1.89 19.70
CA ARG B 27 2.21 -0.68 20.48
C ARG B 27 1.94 -0.96 21.97
N LEU B 28 2.41 -0.05 22.81
CA LEU B 28 2.28 -0.19 24.26
C LEU B 28 1.15 0.70 24.75
N THR B 29 0.16 0.09 25.39
CA THR B 29 -1.02 0.79 25.88
C THR B 29 -0.89 1.20 27.34
N ALA B 30 0.20 1.90 27.66
CA ALA B 30 0.47 2.45 28.98
C ALA B 30 0.52 1.41 30.09
N LYS B 31 0.50 0.12 29.74
CA LYS B 31 0.48 -0.91 30.76
C LYS B 31 1.84 -1.08 31.42
N GLU B 32 2.91 -1.02 30.64
CA GLU B 32 4.26 -1.28 31.13
C GLU B 32 5.09 -0.02 31.28
N VAL B 33 4.97 0.94 30.37
CA VAL B 33 5.82 2.13 30.40
C VAL B 33 5.52 3.06 31.56
N PHE B 34 4.48 2.77 32.34
CA PHE B 34 4.13 3.59 33.49
C PHE B 34 4.04 2.72 34.74
N ASP B 35 4.58 3.22 35.84
CA ASP B 35 4.54 2.50 37.12
C ASP B 35 3.83 3.34 38.17
N GLY B 38 1.86 9.53 37.18
CA GLY B 38 2.68 8.42 37.66
C GLY B 38 4.05 8.37 37.02
N LYS B 39 5.06 7.99 37.80
CA LYS B 39 6.41 7.92 37.28
C LYS B 39 6.50 6.82 36.22
N PRO B 40 7.09 7.10 35.06
CA PRO B 40 7.19 6.09 34.01
C PRO B 40 8.44 5.22 34.16
N ARG B 41 8.48 4.17 33.34
CA ARG B 41 9.64 3.29 33.30
C ARG B 41 10.54 3.68 32.14
N VAL B 42 11.82 3.86 32.43
CA VAL B 42 12.78 4.34 31.45
C VAL B 42 13.47 3.20 30.73
N ASP B 43 13.95 2.20 31.48
CA ASP B 43 14.76 1.14 30.89
C ASP B 43 13.98 0.37 29.82
N ILE B 44 12.72 0.04 30.11
CA ILE B 44 11.93 -0.67 29.11
C ILE B 44 11.60 0.24 27.93
N LEU B 45 11.38 1.54 28.17
CA LEU B 45 11.16 2.46 27.06
C LEU B 45 12.39 2.54 26.16
N LYS B 46 13.58 2.60 26.76
CA LYS B 46 14.80 2.58 25.98
C LYS B 46 14.91 1.29 25.17
N ALA B 47 14.70 0.15 25.82
CA ALA B 47 14.88 -1.13 25.15
C ALA B 47 13.77 -1.41 24.14
N HIS B 48 12.66 -0.67 24.20
CA HIS B 48 11.59 -0.81 23.23
C HIS B 48 11.79 0.11 22.03
N LEU B 49 12.21 1.35 22.27
CA LEU B 49 12.42 2.27 21.16
C LEU B 49 13.75 2.03 20.45
N MET B 50 14.67 1.32 21.10
CA MET B 50 15.94 1.01 20.44
C MET B 50 15.78 -0.11 19.42
N LYS B 51 14.63 -0.79 19.40
CA LYS B 51 14.35 -1.82 18.42
C LYS B 51 13.31 -1.38 17.40
N GLU B 52 13.22 -0.07 17.15
CA GLU B 52 12.20 0.50 16.26
C GLU B 52 10.81 0.05 16.65
N GLY B 53 10.53 0.04 17.95
CA GLY B 53 9.20 -0.25 18.40
C GLY B 53 8.24 0.90 18.12
N ARG B 54 7.18 0.99 18.90
CA ARG B 54 6.23 2.08 18.75
C ARG B 54 5.42 2.20 20.02
N LEU B 55 4.72 3.32 20.15
CA LEU B 55 3.85 3.59 21.29
C LEU B 55 2.48 3.99 20.79
N GLU B 56 1.47 3.72 21.61
CA GLU B 56 0.11 4.13 21.27
C GLU B 56 0.00 5.64 21.25
N GLU B 57 -0.97 6.14 20.47
CA GLU B 57 -1.13 7.59 20.35
C GLU B 57 -1.46 8.23 21.69
N SER B 58 -2.34 7.60 22.47
CA SER B 58 -2.71 8.17 23.77
C SER B 58 -1.51 8.22 24.71
N VAL B 59 -0.68 7.17 24.71
CA VAL B 59 0.47 7.15 25.60
C VAL B 59 1.47 8.23 25.22
N ALA B 60 1.72 8.40 23.92
CA ALA B 60 2.63 9.46 23.48
C ALA B 60 2.10 10.83 23.83
N LEU B 61 0.80 11.05 23.63
CA LEU B 61 0.20 12.34 24.00
C LEU B 61 0.31 12.57 25.50
N ARG B 62 0.12 11.52 26.30
CA ARG B 62 0.25 11.67 27.75
C ARG B 62 1.67 12.04 28.15
N ILE B 63 2.66 11.37 27.56
CA ILE B 63 4.05 11.67 27.91
C ILE B 63 4.41 13.10 27.53
N ILE B 64 4.04 13.51 26.32
CA ILE B 64 4.36 14.86 25.88
C ILE B 64 3.62 15.90 26.71
N THR B 65 2.36 15.63 27.06
CA THR B 65 1.60 16.58 27.86
C THR B 65 2.18 16.72 29.25
N GLU B 66 2.60 15.60 29.87
CA GLU B 66 3.20 15.68 31.19
C GLU B 66 4.54 16.41 31.14
N GLY B 67 5.33 16.18 30.09
CA GLY B 67 6.56 16.93 29.93
C GLY B 67 6.30 18.43 29.79
N ALA B 68 5.29 18.80 29.00
CA ALA B 68 4.94 20.21 28.85
C ALA B 68 4.48 20.81 30.17
N SER B 69 3.67 20.07 30.93
CA SER B 69 3.19 20.58 32.21
C SER B 69 4.33 20.78 33.20
N ILE B 70 5.28 19.84 33.23
CA ILE B 70 6.40 19.98 34.16
C ILE B 70 7.43 20.99 33.68
N LEU B 71 7.45 21.31 32.38
CA LEU B 71 8.37 22.31 31.85
C LEU B 71 7.81 23.72 31.90
N ARG B 72 6.49 23.89 31.91
CA ARG B 72 5.90 25.21 31.92
C ARG B 72 6.27 25.98 33.19
N GLN B 73 6.30 25.29 34.33
CA GLN B 73 6.62 25.94 35.60
C GLN B 73 8.07 26.38 35.68
N GLU B 74 8.93 25.92 34.77
CA GLU B 74 10.34 26.30 34.80
C GLU B 74 10.51 27.79 34.50
N LYS B 75 11.48 28.40 35.17
CA LYS B 75 11.80 29.80 34.92
C LYS B 75 12.46 29.96 33.56
N ASN B 76 12.42 31.19 33.03
CA ASN B 76 13.13 31.49 31.80
C ASN B 76 14.63 31.32 31.98
N LEU B 77 15.16 31.76 33.12
CA LEU B 77 16.58 31.63 33.43
C LEU B 77 16.71 30.58 34.53
N LEU B 78 17.22 29.41 34.17
CA LEU B 78 17.36 28.31 35.12
C LEU B 78 18.53 28.55 36.06
N ASP B 79 18.45 27.95 37.24
CA ASP B 79 19.53 27.97 38.22
C ASP B 79 20.08 26.56 38.36
N ILE B 80 21.35 26.38 38.02
CA ILE B 80 21.99 25.08 37.99
C ILE B 80 23.27 25.13 38.80
N ASP B 81 23.51 24.10 39.61
CA ASP B 81 24.65 24.08 40.51
C ASP B 81 25.92 23.72 39.74
N ALA B 82 27.03 23.51 40.48
CA ALA B 82 28.33 23.46 39.82
C ALA B 82 28.57 22.16 39.06
N PRO B 83 28.58 20.96 39.71
CA PRO B 83 29.01 19.76 38.98
C PRO B 83 27.98 19.33 37.93
N VAL B 84 28.27 19.56 36.66
CA VAL B 84 27.31 19.37 35.58
C VAL B 84 28.00 18.78 34.37
N THR B 85 27.17 18.32 33.43
CA THR B 85 27.63 17.86 32.12
C THR B 85 26.81 18.56 31.06
N VAL B 86 27.50 19.16 30.09
CA VAL B 86 26.87 19.97 29.04
C VAL B 86 27.01 19.22 27.72
N CYS B 87 25.91 19.13 26.98
CA CYS B 87 25.87 18.44 25.70
C CYS B 87 25.21 19.34 24.65
N GLY B 88 25.61 19.13 23.40
CA GLY B 88 25.14 19.95 22.30
C GLY B 88 23.86 19.44 21.68
N ASP B 89 23.57 19.96 20.49
CA ASP B 89 22.35 19.58 19.79
C ASP B 89 22.46 18.14 19.29
N ILE B 90 21.31 17.58 18.92
CA ILE B 90 21.19 16.17 18.54
C ILE B 90 20.71 16.02 17.10
N HIS B 91 19.61 16.67 16.75
CA HIS B 91 19.02 16.60 15.42
C HIS B 91 18.59 15.18 15.06
N GLY B 92 17.85 14.56 15.97
CA GLY B 92 17.09 13.36 15.66
C GLY B 92 17.84 12.05 15.70
N GLN B 93 19.13 12.06 16.03
CA GLN B 93 19.89 10.82 16.05
C GLN B 93 19.65 10.11 17.39
N PHE B 94 18.73 9.15 17.38
CA PHE B 94 18.34 8.47 18.60
C PHE B 94 19.47 7.62 19.16
N PHE B 95 20.08 6.78 18.31
CA PHE B 95 21.08 5.84 18.80
C PHE B 95 22.34 6.58 19.25
N ASP B 96 22.68 7.68 18.59
CA ASP B 96 23.77 8.52 19.07
C ASP B 96 23.43 9.13 20.42
N LEU B 97 22.16 9.48 20.64
CA LEU B 97 21.75 9.97 21.96
C LEU B 97 21.92 8.90 23.03
N MET B 98 21.57 7.66 22.72
CA MET B 98 21.75 6.58 23.68
C MET B 98 23.23 6.35 23.98
N LYS B 99 24.07 6.39 22.94
CA LYS B 99 25.51 6.29 23.18
C LYS B 99 26.01 7.46 24.02
N LEU B 100 25.42 8.65 23.83
CA LEU B 100 25.79 9.80 24.66
C LEU B 100 25.43 9.58 26.12
N PHE B 101 24.24 9.05 26.37
CA PHE B 101 23.84 8.73 27.74
C PHE B 101 24.78 7.70 28.35
N GLU B 102 25.16 6.70 27.57
CA GLU B 102 26.10 5.69 28.07
C GLU B 102 27.46 6.30 28.37
N VAL B 103 27.94 7.20 27.52
CA VAL B 103 29.27 7.79 27.71
C VAL B 103 29.27 8.73 28.92
N GLY B 104 28.25 9.56 29.05
CA GLY B 104 28.20 10.51 30.14
C GLY B 104 27.78 9.96 31.48
N GLY B 105 27.45 8.68 31.54
CA GLY B 105 27.00 8.07 32.77
C GLY B 105 25.48 8.12 32.91
N SER B 106 25.00 7.38 33.90
CA SER B 106 23.56 7.31 34.13
C SER B 106 23.04 8.66 34.60
N PRO B 107 21.81 9.03 34.21
CA PRO B 107 21.23 10.27 34.74
C PRO B 107 21.03 10.27 36.24
N ALA B 108 21.02 9.09 36.87
CA ALA B 108 20.86 9.02 38.32
C ALA B 108 22.03 9.65 39.05
N ASN B 109 23.26 9.43 38.56
CA ASN B 109 24.46 9.87 39.25
C ASN B 109 25.04 11.16 38.70
N THR B 110 24.40 11.78 37.69
CA THR B 110 24.92 13.01 37.13
C THR B 110 23.77 13.82 36.53
N ARG B 111 24.03 15.11 36.33
CA ARG B 111 23.03 16.03 35.80
C ARG B 111 23.51 16.62 34.48
N TYR B 112 22.56 16.86 33.58
CA TYR B 112 22.85 17.28 32.22
C TYR B 112 22.26 18.66 31.94
N LEU B 113 22.73 19.28 30.86
CA LEU B 113 22.20 20.55 30.37
C LEU B 113 22.14 20.44 28.84
N PHE B 114 21.00 19.99 28.33
CA PHE B 114 20.81 19.89 26.89
C PHE B 114 20.47 21.26 26.32
N LEU B 115 21.14 21.63 25.24
CA LEU B 115 21.05 22.98 24.70
C LEU B 115 20.31 23.07 23.38
N GLY B 116 20.72 22.30 22.38
CA GLY B 116 20.29 22.53 21.02
C GLY B 116 18.94 21.92 20.68
N ASP B 117 18.62 21.97 19.40
CA ASP B 117 17.37 21.43 18.88
C ASP B 117 17.41 19.91 18.85
N TYR B 118 16.21 19.31 18.82
CA TYR B 118 16.08 17.87 18.95
C TYR B 118 15.37 17.18 17.81
N VAL B 119 14.80 17.90 16.84
CA VAL B 119 13.80 17.33 15.95
C VAL B 119 14.30 17.23 14.49
N ASP B 120 14.63 18.36 13.88
CA ASP B 120 14.75 18.38 12.43
C ASP B 120 16.00 17.65 11.95
N ARG B 121 15.98 17.27 10.67
CA ARG B 121 17.12 16.68 9.97
C ARG B 121 17.52 15.33 10.58
N GLY B 122 16.54 14.45 10.70
CA GLY B 122 16.76 13.11 11.22
C GLY B 122 15.50 12.28 11.17
N TYR B 123 15.63 10.96 11.06
CA TYR B 123 14.47 10.09 10.92
C TYR B 123 14.00 9.48 12.23
N PHE B 124 14.65 9.83 13.35
CA PHE B 124 14.28 9.31 14.67
C PHE B 124 14.08 10.49 15.63
N SER B 125 13.29 11.47 15.20
CA SER B 125 13.08 12.66 16.01
C SER B 125 12.02 12.44 17.08
N ILE B 126 10.87 11.86 16.70
CA ILE B 126 9.80 11.64 17.66
C ILE B 126 10.25 10.69 18.76
N GLU B 127 11.04 9.68 18.40
CA GLU B 127 11.56 8.76 19.41
C GLU B 127 12.51 9.48 20.37
N CYS B 128 13.38 10.33 19.84
CA CYS B 128 14.31 11.07 20.68
C CYS B 128 13.59 12.00 21.64
N VAL B 129 12.60 12.73 21.14
CA VAL B 129 11.88 13.68 22.00
C VAL B 129 11.06 12.93 23.05
N LEU B 130 10.46 11.79 22.67
CA LEU B 130 9.72 10.99 23.64
C LEU B 130 10.63 10.50 24.76
N TYR B 131 11.79 9.94 24.42
CA TYR B 131 12.67 9.42 25.46
C TYR B 131 13.18 10.54 26.36
N LEU B 132 13.61 11.66 25.76
CA LEU B 132 14.11 12.77 26.57
C LEU B 132 13.04 13.28 27.52
N TRP B 133 11.81 13.41 27.05
CA TRP B 133 10.79 13.99 27.90
C TRP B 133 10.28 12.99 28.94
N ALA B 134 10.28 11.70 28.63
CA ALA B 134 9.97 10.71 29.66
C ALA B 134 11.00 10.74 30.77
N LEU B 135 12.28 10.81 30.41
CA LEU B 135 13.31 10.89 31.45
C LEU B 135 13.24 12.22 32.19
N LYS B 136 12.75 13.27 31.53
CA LYS B 136 12.48 14.52 32.22
C LYS B 136 11.36 14.36 33.25
N ILE B 137 10.30 13.62 32.88
CA ILE B 137 9.21 13.36 33.81
C ILE B 137 9.70 12.59 35.02
N LEU B 138 10.50 11.55 34.78
CA LEU B 138 11.03 10.77 35.89
C LEU B 138 12.04 11.57 36.71
N TYR B 139 12.98 12.23 36.04
CA TYR B 139 13.98 13.07 36.71
C TYR B 139 13.64 14.53 36.46
N PRO B 140 13.06 15.24 37.42
CA PRO B 140 12.69 16.64 37.19
C PRO B 140 13.75 17.66 37.59
N LYS B 141 14.76 17.28 38.37
CA LYS B 141 15.77 18.22 38.85
C LYS B 141 17.18 17.93 38.37
N THR B 142 17.44 16.76 37.80
CA THR B 142 18.79 16.38 37.38
C THR B 142 18.97 16.44 35.88
N LEU B 143 18.09 17.16 35.17
CA LEU B 143 18.21 17.27 33.72
C LEU B 143 17.39 18.48 33.27
N PHE B 144 18.02 19.36 32.50
CA PHE B 144 17.39 20.60 32.06
C PHE B 144 17.46 20.70 30.55
N LEU B 145 16.31 20.90 29.92
CA LEU B 145 16.22 21.05 28.46
C LEU B 145 16.15 22.54 28.11
N LEU B 146 16.71 22.87 26.95
CA LEU B 146 16.73 24.24 26.47
C LEU B 146 16.16 24.30 25.06
N ARG B 147 15.53 25.43 24.74
CA ARG B 147 14.96 25.61 23.41
C ARG B 147 16.05 25.83 22.38
N GLY B 148 15.82 25.31 21.17
CA GLY B 148 16.75 25.49 20.09
C GLY B 148 16.23 26.38 18.99
N ASN B 149 16.87 26.32 17.81
CA ASN B 149 16.45 27.11 16.67
C ASN B 149 15.49 26.36 15.75
N HIS B 150 15.20 25.09 16.02
CA HIS B 150 14.40 24.25 15.14
C HIS B 150 13.13 23.74 15.82
N GLU B 151 12.59 24.50 16.76
CA GLU B 151 11.37 24.12 17.47
C GLU B 151 10.24 25.08 17.15
N CYS B 152 10.10 25.44 15.88
CA CYS B 152 9.07 26.34 15.42
C CYS B 152 8.13 25.58 14.49
N ARG B 153 7.03 26.25 14.12
CA ARG B 153 6.14 25.67 13.13
C ARG B 153 6.72 25.79 11.72
N HIS B 154 7.33 26.94 11.41
CA HIS B 154 7.83 27.20 10.07
C HIS B 154 8.93 26.22 9.69
N LEU B 155 9.95 26.10 10.52
CA LEU B 155 11.09 25.24 10.18
C LEU B 155 10.69 23.79 10.11
N THR B 156 9.91 23.32 11.08
CA THR B 156 9.53 21.90 11.10
C THR B 156 8.60 21.56 9.95
N GLU B 157 7.70 22.46 9.59
CA GLU B 157 6.92 22.25 8.37
C GLU B 157 7.82 22.22 7.15
N TYR B 158 8.84 23.09 7.12
CA TYR B 158 9.78 23.10 6.02
C TYR B 158 10.58 21.80 5.94
N PHE B 159 11.02 21.30 7.09
CA PHE B 159 11.91 20.15 7.14
C PHE B 159 11.10 18.85 7.29
N THR B 160 11.79 17.78 7.67
CA THR B 160 11.22 16.42 7.68
C THR B 160 10.76 15.98 9.07
N PHE B 161 10.23 16.89 9.88
CA PHE B 161 9.61 16.48 11.14
C PHE B 161 8.10 16.28 11.02
N LYS B 162 7.42 17.11 10.24
CA LYS B 162 5.98 16.94 10.07
C LYS B 162 5.67 15.59 9.43
N GLN B 163 6.47 15.19 8.44
CA GLN B 163 6.27 13.89 7.80
C GLN B 163 6.58 12.75 8.77
N GLU B 164 7.56 12.94 9.65
CA GLU B 164 7.81 11.97 10.72
C GLU B 164 6.55 11.72 11.53
N CYS B 165 5.93 12.79 12.02
CA CYS B 165 4.72 12.63 12.83
C CYS B 165 3.58 12.03 12.03
N LYS B 166 3.41 12.46 10.77
CA LYS B 166 2.30 11.96 9.97
C LYS B 166 2.45 10.48 9.66
N ILE B 167 3.64 10.03 9.29
CA ILE B 167 3.85 8.63 8.96
C ILE B 167 3.77 7.76 10.22
N LYS B 168 4.43 8.19 11.30
CA LYS B 168 4.47 7.34 12.48
C LYS B 168 3.18 7.43 13.28
N TYR B 169 2.71 8.64 13.56
CA TYR B 169 1.55 8.88 14.41
C TYR B 169 0.53 9.72 13.65
N SER B 170 -0.46 10.25 14.37
CA SER B 170 -1.41 11.18 13.80
C SER B 170 -0.91 12.62 13.97
N GLU B 171 -1.47 13.52 13.17
CA GLU B 171 -1.08 14.92 13.21
C GLU B 171 -1.40 15.57 14.56
N ARG B 172 -2.31 14.97 15.33
CA ARG B 172 -2.57 15.47 16.69
C ARG B 172 -1.32 15.38 17.55
N VAL B 173 -0.51 14.33 17.34
CA VAL B 173 0.77 14.22 18.03
C VAL B 173 1.67 15.40 17.67
N TYR B 174 1.69 15.76 16.38
CA TYR B 174 2.45 16.92 15.94
C TYR B 174 1.99 18.18 16.66
N ASP B 175 0.67 18.41 16.70
CA ASP B 175 0.17 19.64 17.31
C ASP B 175 0.49 19.68 18.81
N ALA B 176 0.32 18.54 19.49
CA ALA B 176 0.66 18.50 20.92
C ALA B 176 2.13 18.75 21.14
N CYS B 177 2.99 18.17 20.30
CA CYS B 177 4.43 18.37 20.47
C CYS B 177 4.81 19.82 20.23
N MET B 178 4.12 20.50 19.31
CA MET B 178 4.42 21.91 19.09
C MET B 178 3.94 22.77 20.25
N ASP B 179 2.72 22.53 20.72
CA ASP B 179 2.24 23.26 21.90
C ASP B 179 3.11 22.96 23.12
N ALA B 180 3.85 21.86 23.11
CA ALA B 180 4.76 21.55 24.20
C ALA B 180 6.11 22.23 24.04
N PHE B 181 6.65 22.27 22.81
CA PHE B 181 7.82 23.10 22.53
C PHE B 181 7.57 24.57 22.84
N ASP B 182 6.30 24.99 22.79
CA ASP B 182 6.00 26.41 23.01
C ASP B 182 6.46 26.92 24.36
N CYS B 183 6.69 26.04 25.33
CA CYS B 183 6.95 26.46 26.72
C CYS B 183 8.39 26.23 27.17
N LEU B 184 9.31 25.95 26.26
CA LEU B 184 10.67 25.65 26.67
C LEU B 184 11.38 26.89 27.23
N PRO B 185 12.28 26.71 28.18
CA PRO B 185 13.08 27.83 28.67
C PRO B 185 14.20 28.19 27.69
N LEU B 186 14.80 29.36 27.89
CA LEU B 186 15.77 29.86 26.92
C LEU B 186 16.99 30.57 27.48
N ALA B 187 17.19 30.65 28.80
CA ALA B 187 18.35 31.35 29.34
C ALA B 187 19.32 30.43 30.06
N ALA B 188 18.87 29.74 31.11
CA ALA B 188 19.61 28.65 31.76
C ALA B 188 21.00 29.11 32.24
N LEU B 189 20.98 30.00 33.22
CA LEU B 189 22.23 30.36 33.90
C LEU B 189 22.77 29.16 34.66
N MET B 190 24.11 29.07 34.73
CA MET B 190 24.78 27.94 35.37
C MET B 190 25.80 28.45 36.36
N ASN B 191 25.64 28.08 37.63
CA ASN B 191 26.58 28.36 38.71
C ASN B 191 26.84 29.85 38.91
N GLN B 192 26.00 30.71 38.32
CA GLN B 192 26.15 32.16 38.38
C GLN B 192 27.52 32.62 37.88
N GLN B 193 28.20 31.80 37.07
CA GLN B 193 29.49 32.14 36.53
C GLN B 193 29.52 31.90 35.02
N PHE B 194 28.66 31.02 34.54
CA PHE B 194 28.56 30.70 33.13
C PHE B 194 27.11 30.85 32.67
N LEU B 195 26.94 31.34 31.45
CA LEU B 195 25.62 31.48 30.83
C LEU B 195 25.58 30.60 29.59
N CYS B 196 24.49 29.86 29.42
CA CYS B 196 24.35 28.89 28.34
C CYS B 196 23.09 29.20 27.54
N VAL B 197 23.27 29.78 26.36
CA VAL B 197 22.17 30.07 25.43
C VAL B 197 22.42 29.31 24.14
N HIS B 198 21.34 28.87 23.51
CA HIS B 198 21.48 27.99 22.34
C HIS B 198 22.21 28.66 21.20
N GLY B 199 21.89 29.93 20.94
CA GLY B 199 22.50 30.65 19.84
C GLY B 199 23.60 31.59 20.31
N GLY B 200 23.28 32.86 20.46
CA GLY B 200 24.27 33.81 20.91
C GLY B 200 23.64 35.08 21.40
N LEU B 201 24.49 36.02 21.78
CA LEU B 201 24.04 37.31 22.30
C LEU B 201 23.41 38.14 21.19
N SER B 202 22.64 39.14 21.60
CA SER B 202 22.07 40.11 20.68
C SER B 202 22.30 41.51 21.22
N PRO B 203 22.52 42.49 20.33
CA PRO B 203 22.70 43.87 20.80
C PRO B 203 21.50 44.43 21.54
N GLU B 204 20.30 43.94 21.23
CA GLU B 204 19.11 44.40 21.93
C GLU B 204 19.16 44.03 23.41
N ILE B 205 19.65 42.84 23.73
CA ILE B 205 19.77 42.40 25.12
C ILE B 205 21.00 43.05 25.74
N ASN B 206 20.78 43.79 26.83
CA ASN B 206 21.85 44.52 27.51
C ASN B 206 22.37 43.80 28.75
N THR B 207 21.49 43.39 29.64
CA THR B 207 21.88 42.71 30.87
C THR B 207 21.10 41.41 31.01
N LEU B 208 21.44 40.65 32.05
CA LEU B 208 20.78 39.36 32.28
C LEU B 208 19.30 39.53 32.56
N ASP B 209 18.91 40.63 33.22
CA ASP B 209 17.51 40.86 33.52
C ASP B 209 16.67 40.88 32.25
N ASP B 210 17.25 41.30 31.13
CA ASP B 210 16.52 41.32 29.86
C ASP B 210 16.05 39.94 29.46
N ILE B 211 16.82 38.90 29.78
CA ILE B 211 16.42 37.54 29.48
C ILE B 211 15.79 36.86 30.70
N ARG B 212 15.34 37.65 31.68
CA ARG B 212 14.65 37.13 32.85
C ARG B 212 13.15 37.45 32.85
N LYS B 213 12.68 38.25 31.90
CA LYS B 213 11.30 38.73 31.93
C LYS B 213 10.54 38.58 30.62
N LEU B 214 11.21 38.40 29.49
CA LEU B 214 10.51 38.38 28.21
C LEU B 214 9.60 37.15 28.11
N ASP B 215 8.52 37.29 27.35
CA ASP B 215 7.55 36.22 27.18
C ASP B 215 8.15 35.15 26.27
N ARG B 216 8.31 33.94 26.81
CA ARG B 216 8.90 32.83 26.07
C ARG B 216 7.86 31.81 25.62
N PHE B 217 6.58 32.07 25.84
CA PHE B 217 5.52 31.11 25.56
C PHE B 217 4.82 31.39 24.23
N LYS B 218 5.56 31.85 23.23
CA LYS B 218 4.98 32.18 21.93
C LYS B 218 5.92 31.73 20.82
N GLU B 219 5.33 31.61 19.63
CA GLU B 219 6.14 31.38 18.44
C GLU B 219 7.06 32.56 18.21
N PRO B 220 8.33 32.33 17.86
CA PRO B 220 9.26 33.45 17.66
C PRO B 220 8.78 34.37 16.55
N PRO B 221 8.97 35.68 16.70
CA PRO B 221 8.56 36.62 15.65
C PRO B 221 9.59 36.71 14.53
N ALA B 222 9.37 37.62 13.59
CA ALA B 222 10.34 37.82 12.52
C ALA B 222 11.65 38.38 13.05
N TYR B 223 11.59 39.23 14.07
CA TYR B 223 12.78 39.80 14.67
C TYR B 223 12.47 40.18 16.11
N GLY B 224 13.52 40.34 16.90
CA GLY B 224 13.38 40.73 18.28
C GLY B 224 14.43 40.09 19.17
N PRO B 225 14.21 40.13 20.48
CA PRO B 225 15.17 39.52 21.42
C PRO B 225 15.21 38.00 21.30
N MET B 226 14.04 37.37 21.37
CA MET B 226 13.98 35.91 21.31
C MET B 226 14.29 35.39 19.92
N CYS B 227 14.01 36.17 18.88
CA CYS B 227 14.35 35.76 17.53
C CYS B 227 15.82 35.95 17.22
N ASP B 228 16.53 36.76 18.01
CA ASP B 228 17.96 36.95 17.83
C ASP B 228 18.80 36.09 18.75
N ILE B 229 18.27 35.69 19.91
CA ILE B 229 19.05 34.86 20.83
C ILE B 229 19.25 33.46 20.25
N LEU B 230 18.25 32.94 19.54
CA LEU B 230 18.32 31.61 18.96
C LEU B 230 18.91 31.59 17.55
N TRP B 231 19.14 32.74 16.94
CA TRP B 231 19.62 32.80 15.57
C TRP B 231 20.95 33.52 15.40
N SER B 232 21.45 34.17 16.43
CA SER B 232 22.72 34.89 16.32
C SER B 232 23.86 33.92 16.07
N ASP B 233 25.02 34.49 15.77
CA ASP B 233 26.19 33.69 15.40
C ASP B 233 27.45 34.53 15.53
N PRO B 234 28.49 34.02 16.17
CA PRO B 234 29.75 34.77 16.25
C PRO B 234 30.41 34.89 14.89
N LEU B 235 31.33 35.85 14.79
CA LEU B 235 32.05 36.09 13.55
C LEU B 235 32.84 34.85 13.14
N GLU B 236 32.71 34.47 11.88
CA GLU B 236 33.27 33.20 11.41
C GLU B 236 34.66 33.32 10.82
N ASP B 237 35.19 34.53 10.68
CA ASP B 237 36.51 34.76 10.11
C ASP B 237 37.30 35.73 10.97
N PHE B 238 37.34 35.45 12.27
CA PHE B 238 38.08 36.28 13.21
C PHE B 238 39.55 36.36 12.81
N GLY B 239 40.12 37.55 12.96
CA GLY B 239 41.51 37.79 12.57
C GLY B 239 41.71 38.47 11.24
N ASN B 240 40.64 38.92 10.59
CA ASN B 240 40.75 39.61 9.31
C ASN B 240 41.45 40.95 9.45
N HIS B 246 29.37 44.17 15.77
CA HIS B 246 28.49 44.41 16.90
C HIS B 246 27.05 44.04 16.57
N PHE B 247 26.53 44.61 15.49
CA PHE B 247 25.17 44.33 15.05
C PHE B 247 25.08 44.17 13.54
N THR B 248 26.16 43.73 12.91
CA THR B 248 26.15 43.54 11.47
C THR B 248 25.27 42.36 11.08
N HIS B 249 24.56 42.52 9.96
CA HIS B 249 23.53 41.57 9.58
C HIS B 249 24.13 40.23 9.15
N ASN B 250 23.29 39.19 9.21
CA ASN B 250 23.70 37.82 8.90
C ASN B 250 23.36 37.48 7.45
N THR B 251 24.37 37.05 6.70
CA THR B 251 24.13 36.54 5.36
C THR B 251 23.89 35.03 5.36
N VAL B 252 24.46 34.31 6.34
CA VAL B 252 24.29 32.86 6.39
C VAL B 252 22.84 32.49 6.67
N ARG B 253 22.25 33.11 7.67
CA ARG B 253 20.86 32.84 8.04
C ARG B 253 19.90 33.88 7.47
N GLY B 254 20.23 35.17 7.62
CA GLY B 254 19.38 36.23 7.13
C GLY B 254 18.30 36.67 8.09
N CYS B 255 18.47 36.44 9.39
CA CYS B 255 17.43 36.78 10.35
C CYS B 255 17.94 37.44 11.63
N SER B 256 19.25 37.44 11.88
CA SER B 256 19.78 38.04 13.11
C SER B 256 21.15 38.63 12.80
N TYR B 257 21.89 38.98 13.85
CA TYR B 257 23.09 39.79 13.72
C TYR B 257 24.33 38.98 14.13
N PHE B 258 25.47 39.65 14.15
CA PHE B 258 26.69 39.15 14.76
C PHE B 258 26.87 39.71 16.17
N TYR B 259 28.00 39.35 16.76
CA TYR B 259 28.53 40.02 17.94
C TYR B 259 30.04 39.82 17.92
N SER B 260 30.78 40.86 18.28
CA SER B 260 32.23 40.85 18.18
C SER B 260 32.84 40.63 19.56
N TYR B 261 34.16 40.40 19.56
CA TYR B 261 34.88 40.23 20.82
C TYR B 261 34.71 41.41 21.76
N PRO B 262 34.76 42.67 21.31
CA PRO B 262 34.40 43.77 22.22
C PRO B 262 32.98 43.65 22.78
N ALA B 263 32.03 43.14 21.98
CA ALA B 263 30.66 43.02 22.46
C ALA B 263 30.56 42.02 23.60
N VAL B 264 31.13 40.83 23.42
CA VAL B 264 31.07 39.83 24.48
C VAL B 264 31.89 40.28 25.68
N CYS B 265 33.00 40.98 25.45
CA CYS B 265 33.78 41.51 26.57
C CYS B 265 32.96 42.52 27.38
N ASP B 266 32.24 43.40 26.70
CA ASP B 266 31.40 44.37 27.40
C ASP B 266 30.28 43.68 28.15
N PHE B 267 29.67 42.66 27.56
CA PHE B 267 28.61 41.92 28.24
C PHE B 267 29.13 41.22 29.48
N LEU B 268 30.32 40.62 29.39
CA LEU B 268 30.89 39.95 30.55
C LEU B 268 31.35 40.93 31.61
N GLN B 269 31.73 42.15 31.22
CA GLN B 269 32.10 43.16 32.20
C GLN B 269 30.89 43.75 32.90
N HIS B 270 29.78 43.92 32.19
CA HIS B 270 28.59 44.48 32.79
C HIS B 270 27.98 43.54 33.82
N ASN B 271 27.81 42.27 33.46
CA ASN B 271 27.31 41.25 34.37
C ASN B 271 28.43 40.26 34.64
N ASN B 272 28.70 40.02 35.93
CA ASN B 272 29.84 39.19 36.31
C ASN B 272 29.67 37.76 35.84
N LEU B 273 30.42 37.39 34.80
CA LEU B 273 30.36 36.05 34.22
C LEU B 273 31.76 35.68 33.77
N LEU B 274 31.89 34.49 33.18
CA LEU B 274 33.20 34.06 32.69
C LEU B 274 33.18 33.64 31.24
N SER B 275 32.13 32.95 30.79
CA SER B 275 32.08 32.47 29.41
C SER B 275 30.64 32.20 29.03
N ILE B 276 30.41 32.11 27.71
CA ILE B 276 29.09 31.82 27.15
C ILE B 276 29.23 30.63 26.21
N LEU B 277 28.24 29.74 26.25
CA LEU B 277 28.28 28.49 25.50
C LEU B 277 27.18 28.48 24.44
N ARG B 278 27.42 27.76 23.35
CA ARG B 278 26.48 27.72 22.23
C ARG B 278 26.60 26.40 21.49
N ALA B 279 25.56 26.08 20.72
CA ALA B 279 25.48 24.78 20.04
C ALA B 279 24.94 24.87 18.62
N HIS B 280 25.39 25.84 17.83
CA HIS B 280 25.07 25.84 16.40
C HIS B 280 26.14 25.18 15.55
N GLU B 281 27.36 25.73 15.58
CA GLU B 281 28.36 25.40 14.56
C GLU B 281 28.73 23.93 14.63
N ALA B 282 28.27 23.16 13.66
CA ALA B 282 28.73 21.78 13.53
C ALA B 282 30.22 21.78 13.22
N GLN B 283 30.98 20.98 13.97
CA GLN B 283 32.43 21.05 13.93
C GLN B 283 33.02 19.66 13.85
N ASP B 284 34.08 19.53 13.04
CA ASP B 284 34.75 18.24 12.90
C ASP B 284 35.39 17.82 14.21
N ALA B 285 36.00 18.77 14.93
CA ALA B 285 36.60 18.47 16.23
C ALA B 285 35.55 18.22 17.30
N GLY B 286 34.34 18.74 17.13
CA GLY B 286 33.26 18.57 18.09
C GLY B 286 33.10 19.71 19.07
N TYR B 287 34.22 20.28 19.52
CA TYR B 287 34.22 21.40 20.44
C TYR B 287 35.20 22.45 19.94
N ARG B 288 34.89 23.71 20.22
CA ARG B 288 35.79 24.80 19.85
C ARG B 288 35.83 25.84 20.95
N MET B 289 37.05 26.26 21.30
CA MET B 289 37.29 27.36 22.22
C MET B 289 37.69 28.58 21.39
N TYR B 290 36.90 29.64 21.47
CA TYR B 290 37.18 30.86 20.72
C TYR B 290 38.27 31.66 21.44
N ARG B 291 38.42 32.92 21.02
CA ARG B 291 39.56 33.73 21.43
C ARG B 291 39.71 33.76 22.95
N LYS B 292 40.92 33.48 23.40
CA LYS B 292 41.23 33.46 24.83
C LYS B 292 41.08 34.86 25.41
N SER B 293 40.41 34.94 26.55
CA SER B 293 40.25 36.21 27.23
C SER B 293 41.56 36.61 27.91
N GLN B 294 42.14 37.72 27.44
CA GLN B 294 43.44 38.14 27.96
C GLN B 294 43.35 38.56 29.42
N THR B 295 42.18 39.02 29.87
CA THR B 295 42.04 39.48 31.25
C THR B 295 42.17 38.32 32.24
N THR B 296 41.54 37.18 31.95
CA THR B 296 41.48 36.08 32.89
C THR B 296 42.22 34.83 32.47
N GLY B 297 42.34 34.56 31.16
CA GLY B 297 43.03 33.39 30.67
C GLY B 297 42.12 32.27 30.19
N PHE B 298 40.84 32.30 30.54
CA PHE B 298 39.92 31.27 30.09
C PHE B 298 39.18 31.74 28.83
N PRO B 299 38.88 30.83 27.91
CA PRO B 299 38.14 31.23 26.70
C PRO B 299 36.77 31.79 27.06
N SER B 300 36.34 32.79 26.30
CA SER B 300 35.11 33.51 26.58
C SER B 300 33.89 32.94 25.86
N LEU B 301 34.06 32.27 24.74
CA LEU B 301 32.96 31.68 24.01
C LEU B 301 33.30 30.24 23.66
N ILE B 302 32.37 29.32 23.94
CA ILE B 302 32.56 27.90 23.74
C ILE B 302 31.48 27.39 22.79
N THR B 303 31.88 26.60 21.80
CA THR B 303 30.95 26.00 20.85
C THR B 303 31.01 24.49 21.01
N ILE B 304 29.84 23.86 21.21
CA ILE B 304 29.75 22.44 21.47
C ILE B 304 28.79 21.82 20.45
N PHE B 305 29.21 20.69 19.88
CA PHE B 305 28.37 19.91 18.99
C PHE B 305 28.42 18.46 19.42
N SER B 306 27.26 17.84 19.60
CA SER B 306 27.17 16.49 20.15
C SER B 306 26.27 15.61 19.29
N ALA B 307 26.47 15.67 17.98
CA ALA B 307 25.76 14.81 17.03
C ALA B 307 26.78 14.23 16.06
N PRO B 308 27.38 13.09 16.41
CA PRO B 308 28.41 12.51 15.53
C PRO B 308 27.83 12.09 14.20
N ASN B 309 28.64 12.24 13.15
CA ASN B 309 28.23 11.95 11.77
C ASN B 309 26.95 12.68 11.42
N TYR B 310 27.01 14.00 11.53
CA TYR B 310 25.87 14.84 11.19
C TYR B 310 25.54 14.69 9.71
N LEU B 311 24.27 14.42 9.42
CA LEU B 311 23.77 14.21 8.06
C LEU B 311 24.47 13.06 7.35
N ASP B 312 25.15 12.20 8.10
CA ASP B 312 25.86 11.02 7.60
C ASP B 312 27.00 11.37 6.63
N VAL B 313 27.32 12.65 6.48
CA VAL B 313 28.37 13.07 5.56
C VAL B 313 29.47 13.89 6.23
N TYR B 314 29.21 14.49 7.40
CA TYR B 314 30.19 15.37 8.00
C TYR B 314 31.36 14.59 8.60
N ASN B 315 31.10 13.40 9.15
CA ASN B 315 32.14 12.59 9.80
C ASN B 315 32.85 13.38 10.89
N ASN B 316 32.06 13.90 11.83
CA ASN B 316 32.57 14.72 12.92
C ASN B 316 32.49 13.94 14.22
N LYS B 317 33.56 13.96 14.99
CA LYS B 317 33.55 13.35 16.33
C LYS B 317 32.95 14.34 17.30
N ALA B 318 31.87 13.95 17.96
CA ALA B 318 31.14 14.87 18.82
C ALA B 318 31.93 15.13 20.11
N ALA B 319 31.45 16.09 20.90
CA ALA B 319 32.10 16.46 22.14
C ALA B 319 31.06 16.69 23.23
N VAL B 320 31.44 16.41 24.46
CA VAL B 320 30.60 16.63 25.63
C VAL B 320 31.47 17.18 26.75
N LEU B 321 31.03 18.25 27.41
CA LEU B 321 31.84 18.90 28.42
C LEU B 321 31.38 18.51 29.82
N LYS B 322 32.34 18.47 30.75
CA LYS B 322 32.05 18.21 32.15
C LYS B 322 32.69 19.27 33.02
N TYR B 323 31.94 19.74 34.01
CA TYR B 323 32.40 20.72 35.00
C TYR B 323 32.28 20.08 36.37
N GLU B 324 33.41 19.74 36.98
CA GLU B 324 33.42 19.12 38.30
C GLU B 324 34.70 19.50 39.02
N ASN B 325 34.58 19.75 40.32
CA ASN B 325 35.72 20.14 41.17
C ASN B 325 36.42 21.37 40.60
N ASN B 326 35.64 22.32 40.10
CA ASN B 326 36.15 23.55 39.50
C ASN B 326 37.13 23.23 38.37
N VAL B 327 36.76 22.26 37.53
CA VAL B 327 37.58 21.84 36.41
C VAL B 327 36.70 21.68 35.18
N MET B 328 37.10 22.29 34.07
CA MET B 328 36.45 22.14 32.78
C MET B 328 37.21 21.11 31.96
N ASN B 329 36.51 20.07 31.50
CA ASN B 329 37.16 19.10 30.62
C ASN B 329 36.20 18.66 29.52
N ILE B 330 36.75 18.16 28.43
CA ILE B 330 36.00 17.81 27.23
C ILE B 330 36.27 16.34 26.90
N ARG B 331 35.22 15.58 26.65
CA ARG B 331 35.31 14.19 26.26
C ARG B 331 34.79 14.02 24.83
N GLN B 332 35.56 13.33 24.00
CA GLN B 332 35.15 13.08 22.63
C GLN B 332 34.10 11.99 22.57
N PHE B 333 33.50 11.85 21.38
CA PHE B 333 32.31 11.02 21.22
C PHE B 333 32.27 10.46 19.81
N ASN B 334 32.04 9.15 19.71
CA ASN B 334 32.08 8.44 18.43
C ASN B 334 30.66 8.19 17.92
N CYS B 335 30.55 7.42 16.84
CA CYS B 335 29.30 7.15 16.16
C CYS B 335 28.73 5.80 16.60
N SER B 336 27.59 5.44 15.99
CA SER B 336 26.92 4.17 16.27
C SER B 336 25.97 3.86 15.13
N PRO B 337 25.79 2.59 14.78
CA PRO B 337 24.95 2.24 13.64
C PRO B 337 23.48 2.53 13.90
N HIS B 338 22.76 2.79 12.81
CA HIS B 338 21.33 3.06 12.84
C HIS B 338 20.68 2.38 11.66
N PRO B 339 19.38 2.09 11.74
CA PRO B 339 18.69 1.45 10.61
C PRO B 339 18.51 2.37 9.41
N TYR B 340 17.80 1.89 8.39
CA TYR B 340 17.63 2.64 7.15
C TYR B 340 16.17 3.03 6.96
N TRP B 341 15.96 4.22 6.41
CA TRP B 341 14.65 4.72 6.04
C TRP B 341 14.73 5.34 4.65
N LEU B 342 13.61 5.35 3.96
CA LEU B 342 13.63 6.02 2.67
C LEU B 342 13.46 7.52 2.86
N PRO B 343 14.05 8.32 1.98
CA PRO B 343 13.83 9.77 2.06
C PRO B 343 12.36 10.11 1.90
N ASN B 344 11.88 11.02 2.74
CA ASN B 344 10.47 11.41 2.82
C ASN B 344 9.56 10.23 3.13
N PHE B 345 10.11 9.15 3.67
CA PHE B 345 9.33 8.04 4.24
C PHE B 345 8.38 7.44 3.21
N MET B 346 8.88 7.20 2.00
CA MET B 346 8.07 6.49 1.02
C MET B 346 7.97 5.01 1.35
N ASP B 347 6.79 4.45 1.13
CA ASP B 347 6.58 3.02 1.14
C ASP B 347 6.92 2.46 -0.23
N VAL B 348 7.55 1.28 -0.25
CA VAL B 348 8.19 0.79 -1.47
C VAL B 348 7.23 0.69 -2.65
N PHE B 349 5.92 0.59 -2.41
CA PHE B 349 4.97 0.65 -3.51
C PHE B 349 5.04 2.00 -4.21
N THR B 350 4.96 3.09 -3.44
CA THR B 350 5.10 4.42 -4.03
C THR B 350 6.52 4.66 -4.54
N TRP B 351 7.49 3.98 -3.94
CA TRP B 351 8.87 4.09 -4.39
C TRP B 351 9.05 3.52 -5.80
N SER B 352 8.46 2.36 -6.08
CA SER B 352 8.78 1.61 -7.28
C SER B 352 7.71 1.58 -8.34
N LEU B 353 6.49 2.03 -8.04
CA LEU B 353 5.42 1.94 -9.04
C LEU B 353 5.67 2.75 -10.31
N PRO B 354 6.13 4.00 -10.25
CA PRO B 354 6.43 4.71 -11.50
C PRO B 354 7.50 4.05 -12.35
N PHE B 355 8.37 3.24 -11.76
CA PHE B 355 9.33 2.45 -12.51
C PHE B 355 8.80 1.09 -12.89
N VAL B 356 7.59 0.74 -12.44
CA VAL B 356 6.91 -0.45 -12.93
C VAL B 356 6.08 -0.12 -14.16
N GLY B 357 5.29 0.94 -14.07
CA GLY B 357 4.43 1.32 -15.19
C GLY B 357 5.23 1.67 -16.43
N GLU B 358 6.31 2.43 -16.26
CA GLU B 358 7.12 2.81 -17.42
C GLU B 358 7.72 1.59 -18.10
N LYS B 359 8.25 0.65 -17.33
CA LYS B 359 8.90 -0.50 -17.95
C LYS B 359 7.89 -1.44 -18.61
N VAL B 360 6.75 -1.68 -17.97
CA VAL B 360 5.72 -2.54 -18.57
C VAL B 360 5.22 -1.92 -19.87
N THR B 361 4.89 -0.62 -19.84
CA THR B 361 4.39 0.03 -21.04
C THR B 361 5.46 0.07 -22.14
N GLU B 362 6.73 0.26 -21.76
CA GLU B 362 7.79 0.23 -22.77
C GLU B 362 7.86 -1.13 -23.44
N MET B 363 7.84 -2.21 -22.64
CA MET B 363 7.94 -3.54 -23.24
C MET B 363 6.75 -3.82 -24.15
N LEU B 364 5.55 -3.44 -23.72
CA LEU B 364 4.37 -3.76 -24.51
C LEU B 364 4.30 -2.93 -25.78
N VAL B 365 4.67 -1.64 -25.72
CA VAL B 365 4.72 -0.85 -26.94
C VAL B 365 5.79 -1.40 -27.88
N ASN B 366 6.89 -1.91 -27.33
CA ASN B 366 7.93 -2.51 -28.16
C ASN B 366 7.42 -3.77 -28.86
N VAL B 367 6.68 -4.63 -28.14
CA VAL B 367 6.20 -5.88 -28.73
C VAL B 367 5.11 -5.61 -29.77
N LEU B 368 4.13 -4.76 -29.42
CA LEU B 368 2.98 -4.58 -30.29
C LEU B 368 3.37 -3.98 -31.64
N ASN B 369 4.24 -2.99 -31.67
CA ASN B 369 4.61 -2.34 -32.92
C ASN B 369 5.92 -2.90 -33.47
N GLY C 2 17.55 22.70 -19.58
CA GLY C 2 18.98 22.90 -19.73
C GLY C 2 19.80 22.24 -18.64
N VAL C 3 21.09 22.05 -18.91
CA VAL C 3 22.02 21.50 -17.95
C VAL C 3 23.26 22.40 -17.90
N GLN C 4 23.73 22.68 -16.69
CA GLN C 4 24.92 23.51 -16.48
C GLN C 4 25.88 22.75 -15.59
N VAL C 5 27.15 22.69 -15.99
CA VAL C 5 28.18 22.01 -15.22
C VAL C 5 29.18 23.06 -14.75
N GLU C 6 29.36 23.16 -13.44
CA GLU C 6 30.24 24.15 -12.82
C GLU C 6 31.24 23.40 -11.96
N THR C 7 32.43 23.16 -12.50
CA THR C 7 33.41 22.32 -11.83
C THR C 7 33.93 22.98 -10.56
N ILE C 8 33.94 22.21 -9.47
CA ILE C 8 34.62 22.60 -8.24
C ILE C 8 36.02 22.00 -8.17
N SER C 9 36.13 20.69 -8.37
CA SER C 9 37.43 20.02 -8.37
C SER C 9 37.60 19.25 -9.67
N PRO C 10 38.55 19.63 -10.53
CA PRO C 10 38.77 18.91 -11.77
C PRO C 10 39.55 17.62 -11.54
N GLY C 11 39.52 16.75 -12.54
CA GLY C 11 40.24 15.51 -12.49
C GLY C 11 41.14 15.29 -13.70
N ASP C 12 41.56 14.04 -13.93
CA ASP C 12 42.41 13.74 -15.07
C ASP C 12 41.58 13.74 -16.34
N GLY C 13 42.04 14.49 -17.34
CA GLY C 13 41.38 14.60 -18.61
C GLY C 13 41.78 13.58 -19.66
N ARG C 14 42.60 12.59 -19.29
CA ARG C 14 43.03 11.58 -20.25
C ARG C 14 41.95 10.54 -20.51
N THR C 15 40.92 10.47 -19.66
CA THR C 15 39.86 9.48 -19.81
C THR C 15 38.51 10.19 -19.72
N PHE C 16 37.59 9.78 -20.59
CA PHE C 16 36.23 10.30 -20.59
C PHE C 16 35.24 9.15 -20.67
N PRO C 17 34.07 9.29 -20.04
CA PRO C 17 33.06 8.24 -20.14
C PRO C 17 32.50 8.11 -21.54
N LYS C 18 32.10 6.89 -21.89
CA LYS C 18 31.51 6.58 -23.19
C LYS C 18 30.05 6.22 -23.02
N ARG C 19 29.35 6.13 -24.16
CA ARG C 19 27.94 5.77 -24.12
C ARG C 19 27.73 4.36 -23.58
N GLY C 20 28.58 3.42 -24.00
CA GLY C 20 28.48 2.05 -23.54
C GLY C 20 29.12 1.77 -22.20
N GLN C 21 29.70 2.78 -21.56
CA GLN C 21 30.35 2.64 -20.27
C GLN C 21 29.38 2.89 -19.14
N THR C 22 29.65 2.28 -18.00
CA THR C 22 28.84 2.43 -16.79
C THR C 22 29.62 3.23 -15.76
N CYS C 23 29.03 4.33 -15.30
CA CYS C 23 29.66 5.22 -14.34
C CYS C 23 29.18 4.92 -12.93
N VAL C 24 30.11 4.87 -11.99
CA VAL C 24 29.84 4.67 -10.58
C VAL C 24 30.23 5.95 -9.87
N VAL C 25 29.23 6.62 -9.29
CA VAL C 25 29.38 7.95 -8.71
C VAL C 25 28.78 7.98 -7.31
N HIS C 26 29.18 8.99 -6.54
CA HIS C 26 28.56 9.31 -5.26
C HIS C 26 27.95 10.70 -5.38
N TYR C 27 26.63 10.78 -5.22
CA TYR C 27 25.91 12.02 -5.48
C TYR C 27 25.09 12.43 -4.27
N THR C 28 24.92 13.75 -4.12
CA THR C 28 24.13 14.34 -3.04
C THR C 28 23.18 15.36 -3.64
N GLY C 29 22.01 14.91 -4.08
CA GLY C 29 21.07 15.81 -4.72
C GLY C 29 20.50 16.84 -3.77
N MET C 30 19.98 17.92 -4.35
CA MET C 30 19.39 19.01 -3.59
C MET C 30 18.20 19.56 -4.38
N LEU C 31 17.72 20.73 -3.99
CA LEU C 31 16.73 21.45 -4.78
C LEU C 31 17.18 22.90 -5.02
N GLU C 32 16.28 23.72 -5.55
CA GLU C 32 16.64 25.10 -5.88
C GLU C 32 16.96 25.92 -4.64
N ASP C 33 16.33 25.62 -3.50
CA ASP C 33 16.54 26.38 -2.27
C ASP C 33 17.47 25.65 -1.30
N GLY C 34 18.17 24.61 -1.75
CA GLY C 34 19.11 23.90 -0.92
C GLY C 34 18.53 22.83 -0.03
N LYS C 35 17.23 22.56 -0.13
CA LYS C 35 16.58 21.53 0.70
C LYS C 35 16.99 20.16 0.17
N LYS C 36 17.98 19.54 0.82
CA LYS C 36 18.48 18.26 0.36
C LYS C 36 17.38 17.20 0.39
N PHE C 37 17.26 16.43 -0.69
CA PHE C 37 16.18 15.46 -0.82
C PHE C 37 16.66 14.02 -0.84
N ASP C 38 17.89 13.76 -1.24
CA ASP C 38 18.44 12.42 -1.27
C ASP C 38 19.95 12.52 -1.34
N SER C 39 20.62 11.39 -1.10
CA SER C 39 22.06 11.36 -1.16
C SER C 39 22.52 9.92 -1.36
N SER C 40 23.78 9.78 -1.73
CA SER C 40 24.41 8.47 -1.85
C SER C 40 25.42 8.22 -0.75
N ARG C 41 25.49 9.10 0.25
CA ARG C 41 26.30 8.87 1.43
C ARG C 41 25.48 8.57 2.67
N ASP C 42 24.16 8.75 2.61
CA ASP C 42 23.29 8.21 3.66
C ASP C 42 23.44 6.71 3.74
N ARG C 43 23.45 6.03 2.59
CA ARG C 43 23.85 4.65 2.49
C ARG C 43 25.31 4.57 2.08
N ASN C 44 26.01 3.56 2.57
CA ASN C 44 27.43 3.39 2.24
C ASN C 44 27.59 2.56 0.97
N LYS C 45 27.04 3.05 -0.14
CA LYS C 45 27.14 2.33 -1.41
C LYS C 45 27.05 3.31 -2.57
N PRO C 46 27.98 3.26 -3.52
CA PRO C 46 27.92 4.15 -4.67
C PRO C 46 26.80 3.77 -5.62
N PHE C 47 26.42 4.74 -6.46
CA PHE C 47 25.32 4.59 -7.41
C PHE C 47 25.88 4.40 -8.81
N LYS C 48 25.41 3.36 -9.50
CA LYS C 48 25.90 3.00 -10.82
C LYS C 48 24.82 3.21 -11.87
N PHE C 49 25.21 3.76 -13.01
CA PHE C 49 24.25 3.89 -14.12
C PHE C 49 25.02 3.89 -15.44
N MET C 50 24.37 3.39 -16.48
CA MET C 50 24.96 3.30 -17.81
C MET C 50 24.27 4.28 -18.75
N LEU C 51 25.05 4.95 -19.58
CA LEU C 51 24.50 5.93 -20.52
C LEU C 51 23.76 5.24 -21.66
N GLY C 52 23.20 6.03 -22.56
CA GLY C 52 22.48 5.50 -23.70
C GLY C 52 21.02 5.26 -23.41
N LYS C 53 20.74 4.26 -22.56
CA LYS C 53 19.37 3.94 -22.20
C LYS C 53 18.77 5.06 -21.35
N GLN C 54 17.45 5.17 -21.39
CA GLN C 54 16.72 6.22 -20.68
C GLN C 54 16.20 5.65 -19.37
N GLU C 55 17.07 5.60 -18.36
CA GLU C 55 16.65 5.29 -17.00
C GLU C 55 16.88 6.44 -16.03
N VAL C 56 17.88 7.28 -16.28
CA VAL C 56 18.07 8.52 -15.53
C VAL C 56 17.42 9.63 -16.33
N ILE C 57 17.19 10.77 -15.68
CA ILE C 57 16.63 11.90 -16.39
C ILE C 57 17.63 12.37 -17.45
N ARG C 58 17.11 12.97 -18.52
CA ARG C 58 17.96 13.38 -19.63
C ARG C 58 19.01 14.40 -19.20
N GLY C 59 18.70 15.20 -18.18
CA GLY C 59 19.69 16.15 -17.68
C GLY C 59 20.98 15.48 -17.26
N TRP C 60 20.87 14.39 -16.49
CA TRP C 60 22.05 13.63 -16.11
C TRP C 60 22.79 13.12 -17.35
N GLU C 61 22.04 12.57 -18.31
CA GLU C 61 22.67 11.93 -19.46
C GLU C 61 23.46 12.93 -20.29
N GLU C 62 22.93 14.14 -20.49
CA GLU C 62 23.63 15.14 -21.28
C GLU C 62 24.54 16.04 -20.45
N GLY C 63 24.53 15.91 -19.12
CA GLY C 63 25.42 16.71 -18.30
C GLY C 63 26.67 15.97 -17.85
N VAL C 64 26.51 14.73 -17.39
CA VAL C 64 27.67 13.95 -16.94
C VAL C 64 28.62 13.70 -18.09
N ALA C 65 28.11 13.69 -19.33
CA ALA C 65 28.98 13.52 -20.49
C ALA C 65 29.98 14.66 -20.62
N GLN C 66 29.61 15.86 -20.15
CA GLN C 66 30.50 17.01 -20.21
C GLN C 66 31.55 17.00 -19.09
N MET C 67 31.44 16.08 -18.13
CA MET C 67 32.38 16.02 -17.01
C MET C 67 33.67 15.35 -17.44
N SER C 68 34.51 15.02 -16.46
CA SER C 68 35.72 14.26 -16.66
C SER C 68 35.84 13.23 -15.54
N VAL C 69 36.89 12.43 -15.59
CA VAL C 69 37.11 11.38 -14.59
C VAL C 69 37.64 12.02 -13.32
N GLY C 70 37.06 11.65 -12.18
CA GLY C 70 37.49 12.17 -10.89
C GLY C 70 37.27 13.65 -10.71
N GLN C 71 36.16 14.18 -11.22
CA GLN C 71 35.84 15.60 -11.13
C GLN C 71 34.53 15.77 -10.37
N ARG C 72 34.57 16.60 -9.32
CA ARG C 72 33.37 16.92 -8.56
C ARG C 72 32.86 18.29 -8.99
N ALA C 73 31.60 18.34 -9.41
CA ALA C 73 31.02 19.54 -10.01
C ALA C 73 29.58 19.72 -9.52
N LYS C 74 28.95 20.77 -10.03
CA LYS C 74 27.59 21.13 -9.68
C LYS C 74 26.72 21.15 -10.94
N LEU C 75 25.46 20.76 -10.79
CA LEU C 75 24.50 20.74 -11.89
C LEU C 75 23.26 21.50 -11.47
N THR C 76 22.65 22.20 -12.42
CA THR C 76 21.36 22.86 -12.22
C THR C 76 20.43 22.41 -13.33
N ILE C 77 19.70 21.32 -13.08
CA ILE C 77 18.82 20.73 -14.08
C ILE C 77 17.52 21.52 -14.11
N SER C 78 17.19 22.05 -15.27
CA SER C 78 15.97 22.82 -15.45
C SER C 78 14.76 21.90 -15.43
N PRO C 79 13.56 22.45 -15.21
CA PRO C 79 12.34 21.62 -15.29
C PRO C 79 12.14 20.95 -16.65
N ASP C 80 12.71 21.49 -17.72
CA ASP C 80 12.53 20.88 -19.05
C ASP C 80 13.07 19.45 -19.07
N TYR C 81 14.28 19.25 -18.55
CA TYR C 81 14.90 17.94 -18.50
C TYR C 81 14.72 17.26 -17.15
N ALA C 82 13.90 17.83 -16.28
CA ALA C 82 13.61 17.25 -14.97
C ALA C 82 12.39 16.32 -15.11
N TYR C 83 11.80 15.94 -13.98
CA TYR C 83 10.67 15.02 -13.96
C TYR C 83 9.40 15.63 -14.58
N GLY C 84 9.47 16.81 -15.18
CA GLY C 84 8.36 17.32 -15.94
C GLY C 84 7.27 17.95 -15.09
N ALA C 85 6.12 18.17 -15.73
CA ALA C 85 5.00 18.80 -15.05
C ALA C 85 4.44 17.91 -13.95
N THR C 86 4.40 16.60 -14.18
CA THR C 86 3.82 15.70 -13.18
C THR C 86 4.69 15.62 -11.93
N GLY C 87 6.00 15.47 -12.09
CA GLY C 87 6.88 15.38 -10.95
C GLY C 87 6.84 14.03 -10.27
N HIS C 88 7.97 13.54 -9.78
CA HIS C 88 8.00 12.30 -9.04
C HIS C 88 7.16 12.45 -7.77
N PRO C 89 6.22 11.55 -7.50
CA PRO C 89 5.47 11.63 -6.24
C PRO C 89 6.40 11.40 -5.05
N GLY C 90 6.09 12.06 -3.94
CA GLY C 90 6.89 11.96 -2.74
C GLY C 90 7.94 13.03 -2.56
N ILE C 91 8.94 13.08 -3.44
CA ILE C 91 10.03 14.05 -3.26
C ILE C 91 9.79 15.33 -4.05
N ILE C 92 9.81 15.22 -5.37
CA ILE C 92 9.98 16.39 -6.25
C ILE C 92 8.60 16.97 -6.52
N PRO C 93 8.35 18.23 -6.19
CA PRO C 93 7.07 18.86 -6.53
C PRO C 93 7.00 19.18 -8.01
N PRO C 94 5.82 19.48 -8.54
CA PRO C 94 5.73 19.88 -9.94
C PRO C 94 6.50 21.17 -10.21
N HIS C 95 7.10 21.25 -11.39
CA HIS C 95 7.84 22.42 -11.84
C HIS C 95 8.95 22.80 -10.86
N ALA C 96 9.81 21.82 -10.57
CA ALA C 96 10.85 21.97 -9.57
C ALA C 96 12.22 21.89 -10.24
N THR C 97 12.95 23.00 -10.20
CA THR C 97 14.33 23.00 -10.64
C THR C 97 15.19 22.16 -9.70
N LEU C 98 16.07 21.34 -10.26
CA LEU C 98 16.89 20.45 -9.47
C LEU C 98 18.33 20.95 -9.42
N VAL C 99 18.99 20.69 -8.29
CA VAL C 99 20.40 21.04 -8.11
C VAL C 99 21.12 19.78 -7.63
N PHE C 100 22.24 19.47 -8.26
CA PHE C 100 22.96 18.24 -7.97
C PHE C 100 24.43 18.53 -7.74
N ASP C 101 25.07 17.63 -7.01
CA ASP C 101 26.48 17.74 -6.63
C ASP C 101 27.19 16.43 -6.90
N VAL C 102 26.95 15.87 -8.09
CA VAL C 102 27.47 14.55 -8.43
C VAL C 102 29.00 14.57 -8.46
N GLU C 103 29.61 13.43 -8.14
CA GLU C 103 31.06 13.28 -8.17
C GLU C 103 31.39 11.91 -8.74
N LEU C 104 31.97 11.89 -9.94
CA LEU C 104 32.32 10.63 -10.58
C LEU C 104 33.47 9.94 -9.84
N LEU C 105 33.34 8.64 -9.64
CA LEU C 105 34.36 7.85 -8.97
C LEU C 105 35.01 6.83 -9.89
N LYS C 106 34.23 5.94 -10.50
CA LYS C 106 34.80 4.83 -11.27
C LYS C 106 34.05 4.66 -12.58
N LEU C 107 34.72 4.03 -13.54
CA LEU C 107 34.14 3.69 -14.83
C LEU C 107 34.15 2.17 -14.97
N GLU C 108 32.97 1.60 -15.22
CA GLU C 108 32.81 0.15 -15.37
C GLU C 108 33.37 -0.59 -14.15
O17 CAU D . -40.07 -31.81 -10.97
C16 CAU D . -40.97 -32.10 -12.00
C18 CAU D . -42.35 -32.32 -11.37
N19 CAU D . -42.44 -33.67 -10.84
C20 CAU D . -43.78 -33.90 -10.33
C21 CAU D . -43.75 -33.84 -8.81
C22 CAU D . -44.29 -35.25 -10.84
C15 CAU D . -40.95 -30.94 -12.99
O14 CAU D . -42.28 -30.64 -13.33
C13 CAU D . -42.53 -29.32 -13.68
C12 CAU D . -41.56 -28.33 -13.48
C11 CAU D . -41.83 -27.01 -13.82
C10 CAU D . -43.06 -26.66 -14.36
C8 CAU D . -44.05 -27.65 -14.55
C9 CAU D . -43.78 -28.95 -14.22
N7 CAU D . -45.30 -27.57 -15.05
C3 CAU D . -45.89 -28.80 -15.05
C4 CAU D . -44.99 -29.70 -14.54
C2 CAU D . -47.17 -29.23 -15.46
C1 CAU D . -47.52 -30.56 -15.35
C6 CAU D . -46.61 -31.49 -14.83
C5 CAU D . -45.34 -31.07 -14.43
C1 FK5 E . 16.97 9.26 -11.50
C2 FK5 E . 17.70 10.37 -10.80
C3 FK5 E . 19.07 10.56 -11.42
C4 FK5 E . 20.00 9.40 -11.05
C5 FK5 E . 20.15 9.30 -9.54
C6 FK5 E . 18.79 9.10 -8.88
C8 FK5 E . 17.14 10.85 -8.52
C9 FK5 E . 17.25 10.67 -7.13
C10 FK5 E . 16.31 9.73 -6.39
C11 FK5 E . 14.90 9.88 -6.96
C12 FK5 E . 13.97 8.74 -6.55
C13 FK5 E . 14.66 7.40 -6.63
C14 FK5 E . 15.96 7.48 -5.84
C15 FK5 E . 16.67 6.14 -5.67
C16 FK5 E . 16.81 5.39 -6.99
C17 FK5 E . 17.81 4.23 -6.93
C18 FK5 E . 17.09 2.92 -6.66
C19 FK5 E . 16.24 2.51 -7.84
C20 FK5 E . 14.77 2.60 -7.74
C21 FK5 E . 13.89 2.54 -8.95
C22 FK5 E . 13.51 3.94 -9.33
C23 FK5 E . 14.58 4.96 -9.63
C24 FK5 E . 15.06 4.96 -11.08
C25 FK5 E . 16.26 5.89 -11.22
C26 FK5 E . 15.94 7.29 -11.74
C27 FK5 E . 14.47 7.61 -11.81
C28 FK5 E . 13.68 7.33 -13.02
C29 FK5 E . 12.44 8.13 -13.29
C30 FK5 E . 12.37 8.54 -14.76
C31 FK5 E . 11.13 9.37 -15.02
C32 FK5 E . 9.86 8.64 -14.59
C33 FK5 E . 9.95 8.17 -13.15
C34 FK5 E . 11.20 7.31 -12.95
C35 FK5 E . 14.32 11.21 -6.52
C36 FK5 E . 18.90 4.48 -5.89
C37 FK5 E . 16.88 2.02 -9.10
C38 FK5 E . 12.58 1.83 -8.62
C39 FK5 E . 12.82 0.41 -8.21
C40 FK5 E . 12.65 0.01 -6.81
C41 FK5 E . 17.35 5.22 -12.06
C42 FK5 E . 13.79 8.27 -10.65
C43 FK5 E . 12.64 6.31 -6.87
C44 FK5 E . 16.35 5.60 -3.42
C45 FK5 E . 11.56 11.00 -16.63
N7 FK5 E . 17.85 10.12 -9.36
O1 FK5 E . 16.61 8.22 -10.90
O2 FK5 E . 16.67 9.40 -12.88
O3 FK5 E . 16.28 11.85 -9.03
O4 FK5 E . 18.23 11.38 -6.41
O5 FK5 E . 16.78 8.39 -6.52
O6 FK5 E . 16.29 10.09 -4.99
O7 FK5 E . 13.80 6.43 -6.08
O8 FK5 E . 15.96 5.34 -4.75
O9 FK5 E . 12.15 4.31 -9.34
O10 FK5 E . 15.45 3.65 -11.46
O11 FK5 E . 11.05 9.71 -16.38
O12 FK5 E . 8.75 9.51 -14.72
#